data_4MCW
#
_entry.id   4MCW
#
_cell.length_a   69.830
_cell.length_b   182.380
_cell.length_c   232.470
_cell.angle_alpha   90.00
_cell.angle_beta   90.00
_cell.angle_gamma   90.00
#
_symmetry.space_group_name_H-M   'I 2 2 2'
#
loop_
_entity.id
_entity.type
_entity.pdbx_description
1 polymer 'Metal dependent phosphohydrolase'
2 non-polymer 'FE (III) ION'
3 non-polymer 'SUCCINIC ACID'
4 non-polymer IMIDAZOLE
5 non-polymer 1,2-ETHANEDIOL
6 water water
#
_entity_poly.entity_id   1
_entity_poly.type   'polypeptide(L)'
_entity_poly.pdbx_seq_one_letter_code
;GPGYQDPERKLKILLDYSSKIANEKDLRNVLLFLTDLAKEIMEADRASIFLYDDQKKTLWTIVAHGVDRIEIDADKGIAG
YVFRTGEILNIPDAYKDPRFDRDIDKRTGYRTRTILAVPLFDRKQNIIGVFQVINKLTNSVFTEEDIELLRHISLYASST
IENAILYEKLKKAHEDVIYRLSHATKFKDPETQNHIIRVGLYAEILAREAGLDEEDVELVKLAAPMHDIGKVGIPDRVLL
KPGKLNDEEWEIMKKHTIYGYEILKGGDSRLLQIAADIAIEHHERWDGTGYPFGKKGEEISIYGRMTSISDVFDALTSDR
PYKKAWDMDRTVRFFKEQKGKHFDPFLTDIFLKNIDQMFSIKRELRDED
;
_entity_poly.pdbx_strand_id   A,B
#
loop_
_chem_comp.id
_chem_comp.type
_chem_comp.name
_chem_comp.formula
EDO non-polymer 1,2-ETHANEDIOL 'C2 H6 O2'
FE non-polymer 'FE (III) ION' 'Fe 3'
IMD non-polymer IMIDAZOLE 'C3 H5 N2 1'
SIN non-polymer 'SUCCINIC ACID' 'C4 H6 O4'
#
# COMPACT_ATOMS: atom_id res chain seq x y z
N ASP A 6 -25.10 -13.77 -27.00
CA ASP A 6 -24.63 -15.16 -26.74
C ASP A 6 -23.11 -15.31 -26.97
N PRO A 7 -22.53 -14.58 -27.94
CA PRO A 7 -21.06 -14.48 -28.00
C PRO A 7 -20.56 -13.53 -26.90
N GLU A 8 -21.51 -12.88 -26.23
CA GLU A 8 -21.24 -12.10 -25.05
C GLU A 8 -21.06 -12.99 -23.81
N ARG A 9 -21.18 -14.30 -23.96
CA ARG A 9 -20.97 -15.21 -22.83
C ARG A 9 -19.59 -15.07 -22.19
N LYS A 10 -18.53 -15.22 -22.98
CA LYS A 10 -17.17 -15.10 -22.48
C LYS A 10 -16.78 -13.70 -21.99
N LEU A 11 -17.47 -12.68 -22.50
CA LEU A 11 -17.27 -11.32 -22.03
C LEU A 11 -17.78 -11.17 -20.61
N LYS A 12 -18.95 -11.73 -20.33
CA LYS A 12 -19.47 -11.67 -18.98
C LYS A 12 -18.63 -12.50 -18.01
N ILE A 13 -18.13 -13.65 -18.46
CA ILE A 13 -17.21 -14.45 -17.65
C ILE A 13 -15.93 -13.66 -17.31
N LEU A 14 -15.25 -13.11 -18.33
CA LEU A 14 -14.08 -12.27 -18.11
C LEU A 14 -14.37 -11.14 -17.11
N LEU A 15 -15.47 -10.43 -17.31
CA LEU A 15 -15.81 -9.32 -16.45
C LEU A 15 -16.03 -9.76 -14.99
N ASP A 16 -16.57 -10.97 -14.80
CA ASP A 16 -16.76 -11.55 -13.46
C ASP A 16 -15.41 -11.84 -12.80
N TYR A 17 -14.53 -12.51 -13.53
CA TYR A 17 -13.23 -12.78 -13.01
C TYR A 17 -12.41 -11.52 -12.72
N SER A 18 -12.42 -10.54 -13.63
N SER A 18 -12.44 -10.55 -13.65
CA SER A 18 -11.62 -9.33 -13.44
CA SER A 18 -11.69 -9.30 -13.49
C SER A 18 -12.13 -8.47 -12.27
C SER A 18 -12.12 -8.52 -12.27
N SER A 19 -13.41 -8.58 -11.96
CA SER A 19 -13.96 -7.93 -10.76
C SER A 19 -13.39 -8.56 -9.51
N LYS A 20 -13.30 -9.90 -9.50
CA LYS A 20 -12.78 -10.61 -8.34
C LYS A 20 -11.28 -10.32 -8.23
N ILE A 21 -10.59 -10.29 -9.37
CA ILE A 21 -9.15 -10.02 -9.40
C ILE A 21 -8.82 -8.63 -8.87
N ALA A 22 -9.59 -7.62 -9.27
CA ALA A 22 -9.37 -6.25 -8.83
C ALA A 22 -9.60 -6.05 -7.33
N ASN A 23 -10.36 -6.95 -6.70
CA ASN A 23 -10.60 -6.85 -5.25
C ASN A 23 -9.54 -7.60 -4.45
N GLU A 24 -8.93 -8.59 -5.09
CA GLU A 24 -8.05 -9.53 -4.43
C GLU A 24 -6.70 -8.92 -4.00
N LYS A 25 -6.40 -9.00 -2.70
CA LYS A 25 -5.15 -8.44 -2.17
C LYS A 25 -4.05 -9.48 -1.99
N ASP A 26 -4.36 -10.73 -2.30
CA ASP A 26 -3.44 -11.84 -2.05
C ASP A 26 -2.97 -12.48 -3.35
N LEU A 27 -1.65 -12.44 -3.58
CA LEU A 27 -1.08 -12.96 -4.81
C LEU A 27 -1.57 -14.37 -5.14
N ARG A 28 -1.57 -15.26 -4.14
CA ARG A 28 -2.02 -16.63 -4.33
C ARG A 28 -3.39 -16.69 -4.98
N ASN A 29 -4.32 -15.88 -4.49
CA ASN A 29 -5.68 -15.92 -4.95
C ASN A 29 -5.83 -15.31 -6.33
N VAL A 30 -5.04 -14.27 -6.60
CA VAL A 30 -4.99 -13.71 -7.94
C VAL A 30 -4.62 -14.78 -8.93
N LEU A 31 -3.60 -15.55 -8.61
CA LEU A 31 -3.13 -16.60 -9.52
C LEU A 31 -4.21 -17.68 -9.79
N LEU A 32 -4.93 -18.08 -8.74
CA LEU A 32 -6.03 -19.05 -8.85
C LEU A 32 -7.13 -18.51 -9.75
N PHE A 33 -7.58 -17.27 -9.50
CA PHE A 33 -8.54 -16.62 -10.39
C PHE A 33 -8.08 -16.61 -11.85
N LEU A 34 -6.82 -16.23 -12.10
CA LEU A 34 -6.34 -16.12 -13.47
C LEU A 34 -6.36 -17.48 -14.16
N THR A 35 -6.07 -18.54 -13.41
CA THR A 35 -5.99 -19.86 -14.06
C THR A 35 -7.40 -20.39 -14.29
N ASP A 36 -8.32 -20.08 -13.39
CA ASP A 36 -9.71 -20.42 -13.62
C ASP A 36 -10.28 -19.61 -14.78
N LEU A 37 -9.91 -18.34 -14.87
CA LEU A 37 -10.31 -17.49 -15.98
C LEU A 37 -9.87 -18.12 -17.29
N ALA A 38 -8.60 -18.47 -17.36
CA ALA A 38 -8.03 -19.04 -18.56
C ALA A 38 -8.67 -20.38 -18.98
N LYS A 39 -8.94 -21.26 -18.01
CA LYS A 39 -9.69 -22.51 -18.32
C LYS A 39 -11.01 -22.21 -19.02
N GLU A 40 -11.80 -21.28 -18.47
CA GLU A 40 -13.09 -20.97 -19.03
C GLU A 40 -13.05 -20.30 -20.40
N ILE A 41 -12.08 -19.41 -20.59
CA ILE A 41 -11.97 -18.60 -21.80
C ILE A 41 -11.31 -19.37 -22.94
N MET A 42 -10.32 -20.19 -22.62
CA MET A 42 -9.69 -21.01 -23.60
C MET A 42 -10.43 -22.34 -23.81
N GLU A 43 -11.48 -22.59 -23.02
CA GLU A 43 -12.20 -23.90 -23.00
C GLU A 43 -11.22 -25.06 -22.95
N ALA A 44 -10.43 -25.07 -21.87
CA ALA A 44 -9.43 -26.07 -21.67
C ALA A 44 -9.66 -26.67 -20.29
N ASP A 45 -9.13 -27.86 -20.05
CA ASP A 45 -9.47 -28.56 -18.79
C ASP A 45 -8.64 -28.07 -17.61
N ARG A 46 -7.38 -27.67 -17.86
CA ARG A 46 -6.44 -27.26 -16.80
C ARG A 46 -5.63 -26.04 -17.24
N ALA A 47 -5.14 -25.25 -16.27
CA ALA A 47 -4.15 -24.18 -16.54
C ALA A 47 -3.25 -23.99 -15.33
N SER A 48 -2.04 -23.48 -15.55
CA SER A 48 -1.03 -23.24 -14.51
C SER A 48 -0.23 -21.99 -14.83
N ILE A 49 0.16 -21.26 -13.79
CA ILE A 49 1.08 -20.14 -13.94
C ILE A 49 2.31 -20.48 -13.12
N PHE A 50 3.47 -20.36 -13.77
CA PHE A 50 4.75 -20.58 -13.15
C PHE A 50 5.42 -19.20 -13.04
N LEU A 51 5.93 -18.89 -11.86
CA LEU A 51 6.68 -17.63 -11.63
C LEU A 51 8.08 -17.96 -11.19
N TYR A 52 9.01 -17.06 -11.48
CA TYR A 52 10.41 -17.31 -11.18
C TYR A 52 10.78 -16.73 -9.83
N ASP A 53 11.52 -17.51 -9.05
CA ASP A 53 12.10 -17.04 -7.80
C ASP A 53 13.59 -16.75 -8.01
N ASP A 54 13.95 -15.46 -8.01
CA ASP A 54 15.36 -15.03 -8.12
C ASP A 54 16.27 -15.76 -7.16
N GLN A 55 15.82 -15.85 -5.92
CA GLN A 55 16.56 -16.47 -4.83
C GLN A 55 16.88 -17.94 -5.09
N LYS A 56 15.86 -18.79 -5.14
CA LYS A 56 16.05 -20.23 -5.30
C LYS A 56 16.43 -20.69 -6.71
N LYS A 57 16.38 -19.78 -7.67
CA LYS A 57 16.61 -20.09 -9.10
C LYS A 57 15.67 -21.21 -9.58
N THR A 58 14.41 -21.13 -9.16
CA THR A 58 13.37 -22.06 -9.63
C THR A 58 12.12 -21.32 -10.05
N LEU A 59 11.32 -22.00 -10.86
CA LEU A 59 9.96 -21.56 -11.11
C LEU A 59 9.15 -22.14 -9.97
N TRP A 60 7.98 -21.59 -9.71
CA TRP A 60 7.07 -22.20 -8.77
C TRP A 60 5.67 -21.99 -9.22
N THR A 61 4.77 -22.81 -8.71
CA THR A 61 3.36 -22.68 -8.97
C THR A 61 2.58 -23.08 -7.72
N ILE A 62 1.36 -22.60 -7.59
CA ILE A 62 0.51 -23.07 -6.51
C ILE A 62 -0.64 -23.91 -7.10
N VAL A 63 -1.09 -24.91 -6.36
CA VAL A 63 -2.32 -25.64 -6.70
C VAL A 63 -3.48 -25.20 -5.81
N ALA A 64 -4.70 -25.50 -6.24
CA ALA A 64 -5.92 -25.10 -5.53
C ALA A 64 -6.00 -25.65 -4.09
N HIS A 65 -7.01 -25.18 -3.36
CA HIS A 65 -7.26 -25.51 -1.94
C HIS A 65 -6.35 -24.74 -1.00
N GLY A 66 -5.31 -24.13 -1.57
CA GLY A 66 -4.37 -23.32 -0.78
C GLY A 66 -3.22 -24.09 -0.15
N VAL A 67 -2.63 -25.01 -0.90
CA VAL A 67 -1.49 -25.81 -0.42
C VAL A 67 -0.19 -24.99 -0.58
N ASP A 68 0.96 -25.61 -0.29
CA ASP A 68 2.27 -24.95 -0.45
C ASP A 68 2.65 -24.67 -1.92
N ARG A 69 3.59 -23.72 -2.09
CA ARG A 69 4.22 -23.47 -3.37
CA ARG A 69 4.23 -23.46 -3.36
C ARG A 69 4.97 -24.72 -3.84
N ILE A 70 4.83 -25.07 -5.11
CA ILE A 70 5.50 -26.24 -5.66
C ILE A 70 6.71 -25.78 -6.49
N GLU A 71 7.91 -26.18 -6.06
CA GLU A 71 9.16 -25.85 -6.77
C GLU A 71 9.24 -26.61 -8.08
N ILE A 72 9.61 -25.90 -9.15
CA ILE A 72 9.68 -26.49 -10.49
C ILE A 72 11.02 -26.16 -11.12
N ASP A 73 11.65 -27.16 -11.71
CA ASP A 73 12.96 -27.01 -12.35
C ASP A 73 12.92 -26.00 -13.51
N ALA A 74 13.63 -24.88 -13.33
CA ALA A 74 13.61 -23.78 -14.28
C ALA A 74 14.29 -24.06 -15.62
N ASP A 75 14.96 -25.20 -15.75
CA ASP A 75 15.70 -25.51 -16.97
C ASP A 75 14.98 -26.52 -17.87
N LYS A 76 14.79 -27.72 -17.36
CA LYS A 76 14.11 -28.80 -18.08
C LYS A 76 12.58 -28.68 -17.97
N GLY A 77 11.84 -29.49 -18.72
CA GLY A 77 10.38 -29.41 -18.71
C GLY A 77 9.85 -28.44 -19.76
N ILE A 78 8.53 -28.39 -19.90
CA ILE A 78 7.87 -27.52 -20.86
C ILE A 78 7.95 -26.06 -20.39
N ALA A 79 7.57 -25.84 -19.13
CA ALA A 79 7.68 -24.53 -18.51
C ALA A 79 9.12 -24.04 -18.54
N GLY A 80 10.06 -24.95 -18.25
CA GLY A 80 11.47 -24.61 -18.19
C GLY A 80 11.95 -24.12 -19.54
N TYR A 81 11.49 -24.80 -20.59
CA TYR A 81 11.86 -24.47 -21.95
C TYR A 81 11.39 -23.08 -22.33
N VAL A 82 10.13 -22.78 -22.02
CA VAL A 82 9.52 -21.50 -22.38
C VAL A 82 10.13 -20.34 -21.56
N PHE A 83 10.43 -20.60 -20.30
CA PHE A 83 11.02 -19.58 -19.44
C PHE A 83 12.42 -19.19 -19.93
N ARG A 84 13.22 -20.17 -20.32
CA ARG A 84 14.59 -19.96 -20.81
C ARG A 84 14.67 -19.32 -22.18
N THR A 85 13.83 -19.78 -23.12
CA THR A 85 13.93 -19.35 -24.51
C THR A 85 13.02 -18.18 -24.85
N GLY A 86 11.95 -17.98 -24.08
CA GLY A 86 10.94 -16.97 -24.43
C GLY A 86 10.05 -17.36 -25.61
N GLU A 87 10.22 -18.56 -26.15
CA GLU A 87 9.41 -19.04 -27.27
C GLU A 87 8.11 -19.70 -26.79
N ILE A 88 7.07 -19.59 -27.61
CA ILE A 88 5.80 -20.28 -27.37
C ILE A 88 5.98 -21.77 -27.64
N LEU A 89 5.32 -22.61 -26.85
CA LEU A 89 5.38 -24.04 -27.09
C LEU A 89 3.96 -24.53 -27.25
N ASN A 90 3.68 -25.18 -28.38
CA ASN A 90 2.37 -25.75 -28.67
C ASN A 90 2.50 -27.24 -28.96
N ILE A 91 2.10 -28.08 -28.02
CA ILE A 91 2.31 -29.53 -28.11
C ILE A 91 0.97 -30.20 -28.42
N PRO A 92 0.87 -30.96 -29.53
CA PRO A 92 -0.39 -31.65 -29.83
C PRO A 92 -0.61 -32.89 -28.98
N ASP A 93 0.47 -33.58 -28.59
CA ASP A 93 0.37 -34.76 -27.74
C ASP A 93 1.58 -34.87 -26.79
N ALA A 94 1.35 -34.56 -25.52
CA ALA A 94 2.43 -34.56 -24.51
C ALA A 94 3.23 -35.84 -24.45
N TYR A 95 2.57 -36.98 -24.68
CA TYR A 95 3.24 -38.28 -24.55
C TYR A 95 4.19 -38.58 -25.70
N LYS A 96 4.18 -37.72 -26.71
CA LYS A 96 5.16 -37.84 -27.79
C LYS A 96 6.28 -36.81 -27.69
N ASP A 97 6.19 -35.91 -26.71
CA ASP A 97 7.19 -34.87 -26.56
C ASP A 97 8.22 -35.27 -25.50
N PRO A 98 9.51 -35.23 -25.86
CA PRO A 98 10.60 -35.63 -24.95
C PRO A 98 10.76 -34.72 -23.71
N ARG A 99 10.25 -33.50 -23.76
CA ARG A 99 10.37 -32.57 -22.63
C ARG A 99 9.27 -32.74 -21.60
N PHE A 100 8.28 -33.58 -21.88
CA PHE A 100 7.16 -33.79 -20.97
C PHE A 100 7.51 -34.75 -19.83
N ASP A 101 7.14 -34.38 -18.61
CA ASP A 101 7.32 -35.26 -17.45
C ASP A 101 5.98 -35.87 -17.04
N ARG A 102 5.82 -37.16 -17.32
CA ARG A 102 4.52 -37.79 -17.16
C ARG A 102 4.16 -38.14 -15.71
N ASP A 103 5.07 -37.85 -14.77
CA ASP A 103 4.89 -38.21 -13.35
C ASP A 103 3.73 -37.48 -12.66
N ILE A 104 3.43 -36.27 -13.14
CA ILE A 104 2.30 -35.51 -12.63
C ILE A 104 0.98 -36.24 -12.93
N ASP A 105 0.86 -36.73 -14.17
CA ASP A 105 -0.25 -37.58 -14.57
C ASP A 105 -0.36 -38.85 -13.70
N LYS A 106 0.79 -39.49 -13.47
CA LYS A 106 0.89 -40.74 -12.71
C LYS A 106 0.30 -40.66 -11.30
N ARG A 107 0.68 -39.64 -10.55
CA ARG A 107 0.20 -39.44 -9.18
C ARG A 107 -1.25 -38.93 -9.13
N THR A 108 -1.65 -38.13 -10.11
CA THR A 108 -2.96 -37.48 -10.06
C THR A 108 -4.12 -38.31 -10.69
N GLY A 109 -3.77 -39.30 -11.52
CA GLY A 109 -4.76 -40.02 -12.31
C GLY A 109 -5.13 -39.28 -13.60
N TYR A 110 -4.28 -38.34 -14.00
CA TYR A 110 -4.54 -37.48 -15.16
C TYR A 110 -3.85 -37.97 -16.45
N ARG A 111 -4.37 -37.60 -17.61
CA ARG A 111 -3.74 -37.90 -18.91
C ARG A 111 -3.65 -36.60 -19.71
N THR A 112 -2.47 -36.03 -19.71
CA THR A 112 -2.23 -34.77 -20.40
C THR A 112 -2.15 -35.05 -21.90
N ARG A 113 -2.91 -34.29 -22.70
CA ARG A 113 -2.81 -34.46 -24.16
C ARG A 113 -2.16 -33.22 -24.80
N THR A 114 -2.90 -32.12 -24.84
CA THR A 114 -2.40 -30.92 -25.48
C THR A 114 -1.84 -29.96 -24.41
N ILE A 115 -0.72 -29.32 -24.72
CA ILE A 115 -0.13 -28.30 -23.85
C ILE A 115 0.19 -27.05 -24.67
N LEU A 116 -0.35 -25.90 -24.28
CA LEU A 116 0.10 -24.64 -24.83
C LEU A 116 0.71 -23.79 -23.70
N ALA A 117 1.97 -23.35 -23.88
CA ALA A 117 2.68 -22.56 -22.83
C ALA A 117 3.30 -21.30 -23.46
N VAL A 118 3.01 -20.14 -22.88
CA VAL A 118 3.53 -18.86 -23.39
C VAL A 118 4.27 -18.12 -22.25
N PRO A 119 5.24 -17.24 -22.60
CA PRO A 119 5.94 -16.44 -21.57
C PRO A 119 5.09 -15.35 -20.96
N LEU A 120 5.38 -14.99 -19.72
CA LEU A 120 4.81 -13.79 -19.11
C LEU A 120 5.97 -12.80 -19.05
N PHE A 121 5.71 -11.52 -19.33
CA PHE A 121 6.77 -10.49 -19.35
C PHE A 121 6.39 -9.40 -18.40
N ASP A 122 7.36 -8.80 -17.69
CA ASP A 122 7.06 -7.59 -16.90
C ASP A 122 7.10 -6.32 -17.77
N ARG A 123 6.74 -5.16 -17.21
CA ARG A 123 6.76 -3.88 -17.98
C ARG A 123 8.15 -3.63 -18.56
N LYS A 124 9.18 -3.74 -17.72
CA LYS A 124 10.59 -3.73 -18.14
C LYS A 124 10.95 -4.71 -19.28
N GLN A 125 10.05 -5.62 -19.64
CA GLN A 125 10.20 -6.58 -20.78
C GLN A 125 10.97 -7.90 -20.52
N ASN A 126 11.34 -8.14 -19.26
CA ASN A 126 11.99 -9.41 -18.87
C ASN A 126 10.97 -10.55 -18.73
N ILE A 127 11.37 -11.78 -19.05
CA ILE A 127 10.53 -12.97 -18.83
C ILE A 127 10.48 -13.28 -17.34
N ILE A 128 9.30 -13.24 -16.74
CA ILE A 128 9.13 -13.44 -15.31
C ILE A 128 8.42 -14.78 -14.99
N GLY A 129 7.97 -15.49 -16.02
CA GLY A 129 7.20 -16.73 -15.82
C GLY A 129 6.59 -17.33 -17.08
N VAL A 130 5.62 -18.22 -16.88
CA VAL A 130 5.03 -19.02 -17.97
C VAL A 130 3.55 -19.22 -17.67
N PHE A 131 2.70 -19.03 -18.67
CA PHE A 131 1.28 -19.33 -18.55
C PHE A 131 1.02 -20.57 -19.42
N GLN A 132 0.51 -21.63 -18.81
CA GLN A 132 0.34 -22.89 -19.51
C GLN A 132 -1.11 -23.31 -19.45
N VAL A 133 -1.67 -23.75 -20.58
CA VAL A 133 -3.03 -24.26 -20.66
CA VAL A 133 -3.02 -24.32 -20.59
C VAL A 133 -2.98 -25.72 -21.15
N ILE A 134 -3.82 -26.60 -20.60
CA ILE A 134 -3.72 -28.01 -20.93
C ILE A 134 -5.09 -28.60 -21.28
N ASN A 135 -5.10 -29.49 -22.25
CA ASN A 135 -6.30 -30.32 -22.56
C ASN A 135 -7.48 -29.49 -23.05
N LYS A 136 -7.27 -28.89 -24.23
CA LYS A 136 -8.36 -28.17 -24.86
C LYS A 136 -9.53 -29.16 -24.98
N LEU A 137 -10.74 -28.69 -24.68
CA LEU A 137 -11.93 -29.55 -24.53
C LEU A 137 -12.53 -30.08 -25.84
N THR A 138 -12.00 -29.63 -26.99
CA THR A 138 -12.28 -30.29 -28.27
C THR A 138 -11.55 -31.62 -28.37
N ASN A 139 -10.64 -31.86 -27.42
CA ASN A 139 -9.78 -33.03 -27.51
C ASN A 139 -8.86 -33.00 -28.73
N SER A 140 -8.65 -31.79 -29.26
CA SER A 140 -7.82 -31.60 -30.42
C SER A 140 -6.84 -30.43 -30.12
N VAL A 141 -6.08 -30.00 -31.12
CA VAL A 141 -4.94 -29.08 -30.92
C VAL A 141 -5.37 -27.70 -30.45
N PHE A 142 -4.47 -27.00 -29.78
CA PHE A 142 -4.67 -25.55 -29.61
C PHE A 142 -4.36 -24.94 -30.99
N THR A 143 -5.20 -24.04 -31.44
CA THR A 143 -5.02 -23.49 -32.81
C THR A 143 -4.26 -22.16 -32.80
N GLU A 144 -3.90 -21.66 -33.97
CA GLU A 144 -3.30 -20.34 -34.06
C GLU A 144 -4.18 -19.29 -33.42
N GLU A 145 -5.49 -19.42 -33.58
CA GLU A 145 -6.39 -18.46 -32.94
C GLU A 145 -6.34 -18.61 -31.40
N ASP A 146 -6.15 -19.84 -30.90
CA ASP A 146 -6.04 -20.05 -29.44
C ASP A 146 -4.76 -19.40 -28.92
N ILE A 147 -3.65 -19.57 -29.64
CA ILE A 147 -2.37 -18.93 -29.28
C ILE A 147 -2.55 -17.43 -29.15
N GLU A 148 -3.25 -16.84 -30.12
CA GLU A 148 -3.45 -15.41 -30.14
C GLU A 148 -4.28 -14.94 -28.94
N LEU A 149 -5.39 -15.63 -28.67
CA LEU A 149 -6.15 -15.35 -27.46
C LEU A 149 -5.30 -15.47 -26.16
N LEU A 150 -4.47 -16.51 -26.07
CA LEU A 150 -3.66 -16.74 -24.88
C LEU A 150 -2.56 -15.65 -24.72
N ARG A 151 -2.10 -15.10 -25.83
CA ARG A 151 -1.20 -13.92 -25.78
C ARG A 151 -1.88 -12.72 -25.14
N HIS A 152 -3.15 -12.50 -25.46
CA HIS A 152 -3.88 -11.43 -24.77
C HIS A 152 -4.15 -11.73 -23.30
N ILE A 153 -4.51 -12.98 -22.99
CA ILE A 153 -4.73 -13.35 -21.59
C ILE A 153 -3.41 -13.17 -20.79
N SER A 154 -2.31 -13.57 -21.41
CA SER A 154 -1.00 -13.51 -20.81
C SER A 154 -0.56 -12.08 -20.41
N LEU A 155 -0.89 -11.10 -21.25
CA LEU A 155 -0.62 -9.70 -20.99
C LEU A 155 -1.48 -9.21 -19.81
N TYR A 156 -2.73 -9.69 -19.77
CA TYR A 156 -3.61 -9.34 -18.68
C TYR A 156 -3.11 -9.99 -17.38
N ALA A 157 -2.64 -11.23 -17.48
CA ALA A 157 -2.09 -11.90 -16.32
C ALA A 157 -0.84 -11.15 -15.80
N SER A 158 0.13 -10.89 -16.69
CA SER A 158 1.30 -10.05 -16.34
C SER A 158 0.95 -8.79 -15.56
N SER A 159 -0.01 -8.02 -16.08
CA SER A 159 -0.37 -6.75 -15.46
C SER A 159 -0.98 -6.95 -14.08
N THR A 160 -1.83 -7.95 -13.91
CA THR A 160 -2.53 -8.04 -12.62
C THR A 160 -1.58 -8.62 -11.58
N ILE A 161 -0.70 -9.52 -12.01
CA ILE A 161 0.31 -10.11 -11.15
C ILE A 161 1.32 -9.05 -10.67
N GLU A 162 1.89 -8.28 -11.60
CA GLU A 162 2.80 -7.18 -11.24
C GLU A 162 2.11 -6.21 -10.28
N ASN A 163 0.87 -5.87 -10.58
CA ASN A 163 0.08 -5.06 -9.70
C ASN A 163 -0.07 -5.67 -8.27
N ALA A 164 -0.31 -6.98 -8.19
CA ALA A 164 -0.57 -7.61 -6.89
C ALA A 164 0.74 -7.65 -6.10
N ILE A 165 1.85 -7.93 -6.78
CA ILE A 165 3.17 -7.88 -6.17
C ILE A 165 3.50 -6.46 -5.64
N LEU A 166 3.22 -5.44 -6.44
CA LEU A 166 3.40 -4.02 -6.01
C LEU A 166 2.60 -3.78 -4.73
N TYR A 167 1.37 -4.25 -4.73
CA TYR A 167 0.50 -4.02 -3.59
C TYR A 167 1.05 -4.71 -2.33
N GLU A 168 1.55 -5.95 -2.49
CA GLU A 168 2.16 -6.67 -1.38
C GLU A 168 3.46 -6.03 -0.86
N LYS A 169 4.27 -5.46 -1.77
CA LYS A 169 5.48 -4.74 -1.38
C LYS A 169 5.14 -3.57 -0.53
N LEU A 170 4.17 -2.78 -0.98
CA LEU A 170 3.73 -1.62 -0.24
C LEU A 170 3.24 -1.99 1.15
N LYS A 171 2.37 -3.01 1.23
CA LYS A 171 1.81 -3.42 2.52
C LYS A 171 2.88 -3.86 3.48
N LYS A 172 3.82 -4.65 3.00
CA LYS A 172 4.91 -5.16 3.80
C LYS A 172 5.85 -4.01 4.27
N ALA A 173 6.14 -3.07 3.36
CA ALA A 173 6.99 -1.91 3.70
C ALA A 173 6.33 -1.06 4.75
N HIS A 174 5.01 -0.91 4.63
CA HIS A 174 4.20 -0.09 5.55
C HIS A 174 4.22 -0.68 6.97
N GLU A 175 3.99 -1.99 7.06
CA GLU A 175 4.11 -2.70 8.36
C GLU A 175 5.52 -2.64 8.94
N ASP A 176 6.54 -2.92 8.12
CA ASP A 176 7.96 -2.84 8.52
C ASP A 176 8.34 -1.48 9.13
N VAL A 177 7.92 -0.42 8.45
CA VAL A 177 8.14 0.96 8.88
C VAL A 177 7.51 1.23 10.23
N ILE A 178 6.26 0.85 10.34
CA ILE A 178 5.51 1.13 11.55
C ILE A 178 6.16 0.34 12.71
N TYR A 179 6.47 -0.94 12.48
CA TYR A 179 7.08 -1.77 13.52
C TYR A 179 8.48 -1.25 13.94
N ARG A 180 9.32 -0.90 12.96
CA ARG A 180 10.69 -0.51 13.27
C ARG A 180 10.78 0.84 13.95
N LEU A 181 10.02 1.81 13.44
CA LEU A 181 10.02 3.16 13.98
C LEU A 181 9.32 3.21 15.34
N SER A 182 8.36 2.33 15.54
CA SER A 182 7.72 2.24 16.83
C SER A 182 8.75 1.79 17.86
N HIS A 183 9.72 0.98 17.45
CA HIS A 183 10.75 0.55 18.35
C HIS A 183 11.97 1.49 18.38
N ALA A 184 11.80 2.72 17.89
CA ALA A 184 12.89 3.75 17.92
C ALA A 184 13.30 4.06 19.37
N THR A 185 12.40 3.76 20.32
CA THR A 185 12.64 3.87 21.76
C THR A 185 13.63 2.87 22.33
N LYS A 186 14.20 2.02 21.47
CA LYS A 186 15.00 0.88 21.92
C LYS A 186 16.33 1.20 22.62
N PHE A 187 16.86 2.42 22.46
CA PHE A 187 18.12 2.75 23.14
C PHE A 187 17.87 3.14 24.58
N LYS A 188 16.67 3.63 24.85
CA LYS A 188 16.32 4.20 26.14
C LYS A 188 15.16 3.54 26.93
N ASP A 189 14.54 2.50 26.39
CA ASP A 189 13.36 1.90 27.02
C ASP A 189 13.38 0.41 26.75
N PRO A 190 12.97 -0.42 27.74
CA PRO A 190 13.12 -1.85 27.51
C PRO A 190 12.00 -2.55 26.65
N GLU A 191 10.85 -1.91 26.40
CA GLU A 191 9.78 -2.58 25.60
C GLU A 191 10.37 -3.13 24.29
N THR A 192 10.14 -4.42 24.02
CA THR A 192 10.84 -5.13 22.93
C THR A 192 10.13 -4.97 21.57
N GLN A 193 10.81 -5.33 20.49
CA GLN A 193 10.25 -5.25 19.12
C GLN A 193 9.04 -6.21 19.01
N ASN A 194 9.18 -7.42 19.55
CA ASN A 194 8.08 -8.41 19.45
C ASN A 194 6.88 -8.05 20.27
N HIS A 195 7.11 -7.39 21.40
CA HIS A 195 6.00 -6.89 22.18
C HIS A 195 5.18 -5.92 21.40
N ILE A 196 5.87 -4.97 20.77
CA ILE A 196 5.24 -3.96 19.93
C ILE A 196 4.40 -4.60 18.80
N ILE A 197 4.94 -5.61 18.14
CA ILE A 197 4.20 -6.33 17.14
C ILE A 197 2.99 -7.09 17.75
N ARG A 198 3.23 -7.85 18.84
CA ARG A 198 2.19 -8.74 19.41
C ARG A 198 0.99 -7.94 19.87
N VAL A 199 1.22 -6.75 20.39
CA VAL A 199 0.09 -5.97 20.93
C VAL A 199 -0.91 -5.57 19.83
N GLY A 200 -0.41 -5.23 18.64
CA GLY A 200 -1.30 -5.02 17.50
C GLY A 200 -2.02 -6.30 17.06
N LEU A 201 -1.31 -7.43 17.06
CA LEU A 201 -1.87 -8.72 16.71
C LEU A 201 -2.98 -9.17 17.66
N TYR A 202 -2.85 -8.91 18.96
CA TYR A 202 -3.94 -9.21 19.90
C TYR A 202 -5.10 -8.28 19.64
N ALA A 203 -4.80 -7.00 19.40
CA ALA A 203 -5.89 -6.05 19.17
C ALA A 203 -6.63 -6.33 17.85
N GLU A 204 -5.94 -6.93 16.87
CA GLU A 204 -6.52 -7.30 15.57
C GLU A 204 -7.58 -8.39 15.78
N ILE A 205 -7.24 -9.42 16.56
CA ILE A 205 -8.21 -10.51 16.88
C ILE A 205 -9.38 -9.94 17.68
N LEU A 206 -9.08 -9.12 18.67
CA LEU A 206 -10.13 -8.50 19.48
C LEU A 206 -11.13 -7.67 18.66
N ALA A 207 -10.60 -6.80 17.79
CA ALA A 207 -11.42 -5.99 16.89
C ALA A 207 -12.28 -6.86 15.97
N ARG A 208 -11.68 -7.89 15.35
CA ARG A 208 -12.44 -8.79 14.47
C ARG A 208 -13.59 -9.43 15.25
N GLU A 209 -13.23 -10.04 16.39
CA GLU A 209 -14.21 -10.75 17.23
C GLU A 209 -15.24 -9.82 17.87
N ALA A 210 -14.96 -8.53 17.94
CA ALA A 210 -15.97 -7.60 18.42
C ALA A 210 -16.81 -7.07 17.26
N GLY A 211 -16.50 -7.53 16.05
CA GLY A 211 -17.34 -7.23 14.89
C GLY A 211 -17.11 -5.91 14.17
N LEU A 212 -15.89 -5.37 14.23
CA LEU A 212 -15.56 -4.16 13.45
C LEU A 212 -15.34 -4.52 11.99
N ASP A 213 -15.55 -3.55 11.09
CA ASP A 213 -15.26 -3.75 9.65
CA ASP A 213 -15.27 -3.72 9.66
C ASP A 213 -13.81 -4.16 9.45
N GLU A 214 -13.57 -5.02 8.47
CA GLU A 214 -12.22 -5.50 8.22
C GLU A 214 -11.17 -4.40 7.99
N GLU A 215 -11.60 -3.22 7.52
CA GLU A 215 -10.69 -2.08 7.35
C GLU A 215 -10.20 -1.59 8.72
N ASP A 216 -11.14 -1.40 9.64
CA ASP A 216 -10.85 -1.01 11.01
C ASP A 216 -9.99 -2.02 11.78
N VAL A 217 -10.20 -3.30 11.49
CA VAL A 217 -9.43 -4.40 12.06
C VAL A 217 -7.97 -4.32 11.61
N GLU A 218 -7.77 -4.11 10.31
CA GLU A 218 -6.43 -3.87 9.78
C GLU A 218 -5.82 -2.58 10.37
N LEU A 219 -6.62 -1.55 10.60
CA LEU A 219 -6.09 -0.32 11.17
C LEU A 219 -5.61 -0.50 12.61
N VAL A 220 -6.35 -1.24 13.43
CA VAL A 220 -5.93 -1.43 14.81
C VAL A 220 -4.65 -2.24 14.88
N LYS A 221 -4.48 -3.22 13.97
CA LYS A 221 -3.28 -4.02 13.96
C LYS A 221 -2.02 -3.14 13.82
N LEU A 222 -2.17 -2.04 13.05
CA LEU A 222 -1.03 -1.18 12.70
C LEU A 222 -0.95 0.07 13.55
N ALA A 223 -2.07 0.54 14.08
CA ALA A 223 -2.09 1.72 14.92
C ALA A 223 -1.63 1.44 16.36
N ALA A 224 -2.05 0.31 16.94
CA ALA A 224 -1.75 0.06 18.35
C ALA A 224 -0.24 0.04 18.66
N PRO A 225 0.58 -0.52 17.76
CA PRO A 225 2.00 -0.63 17.98
C PRO A 225 2.73 0.71 18.27
N MET A 226 2.13 1.84 17.91
CA MET A 226 2.78 3.16 17.98
C MET A 226 2.48 3.90 19.28
N HIS A 227 1.71 3.26 20.19
CA HIS A 227 1.07 4.01 21.27
C HIS A 227 2.07 4.61 22.25
N ASP A 228 3.29 4.10 22.30
CA ASP A 228 4.27 4.62 23.28
C ASP A 228 5.35 5.51 22.66
N ILE A 229 5.17 5.91 21.40
CA ILE A 229 6.22 6.68 20.69
C ILE A 229 6.59 7.99 21.41
N GLY A 230 5.64 8.57 22.12
CA GLY A 230 5.87 9.78 22.88
C GLY A 230 6.92 9.67 23.99
N LYS A 231 7.37 8.45 24.30
CA LYS A 231 8.49 8.28 25.23
C LYS A 231 9.76 8.99 24.71
N VAL A 232 9.84 9.17 23.39
CA VAL A 232 10.99 9.83 22.78
CA VAL A 232 11.01 9.84 22.79
C VAL A 232 11.13 11.29 23.28
N GLY A 233 10.02 11.88 23.73
CA GLY A 233 10.00 13.25 24.23
C GLY A 233 10.26 13.41 25.75
N ILE A 234 10.34 12.28 26.46
CA ILE A 234 10.56 12.33 27.92
C ILE A 234 12.03 12.61 28.23
N PRO A 235 12.29 13.56 29.13
CA PRO A 235 13.69 13.86 29.48
C PRO A 235 14.41 12.63 30.02
N ASP A 236 15.68 12.52 29.66
CA ASP A 236 16.55 11.43 30.14
C ASP A 236 16.62 11.33 31.68
N ARG A 237 16.53 12.47 32.36
CA ARG A 237 16.64 12.45 33.83
C ARG A 237 15.43 11.77 34.48
N VAL A 238 14.38 11.56 33.68
CA VAL A 238 13.21 10.81 34.10
C VAL A 238 13.31 9.40 33.56
N LEU A 239 13.36 9.26 32.24
CA LEU A 239 13.29 7.94 31.60
C LEU A 239 14.48 7.06 31.96
N LEU A 240 15.66 7.66 32.12
CA LEU A 240 16.84 6.86 32.47
C LEU A 240 17.23 6.95 33.94
N LYS A 241 16.41 7.57 34.77
CA LYS A 241 16.72 7.65 36.21
C LYS A 241 16.93 6.25 36.80
N PRO A 242 18.10 6.01 37.42
CA PRO A 242 18.42 4.68 37.91
C PRO A 242 17.92 4.48 39.34
N GLY A 243 16.67 4.80 39.59
CA GLY A 243 16.04 4.65 40.89
C GLY A 243 14.57 4.86 40.63
N LYS A 244 13.74 4.50 41.61
CA LYS A 244 12.31 4.77 41.53
C LYS A 244 12.01 6.26 41.28
N LEU A 245 10.97 6.52 40.49
CA LEU A 245 10.53 7.89 40.23
C LEU A 245 9.78 8.46 41.43
N ASN A 246 10.02 9.73 41.75
CA ASN A 246 9.16 10.44 42.69
C ASN A 246 7.88 10.95 42.00
N ASP A 247 6.96 11.56 42.74
CA ASP A 247 5.69 11.98 42.16
C ASP A 247 5.86 12.95 41.00
N GLU A 248 6.75 13.91 41.17
CA GLU A 248 6.98 14.90 40.13
C GLU A 248 7.52 14.30 38.85
N GLU A 249 8.44 13.34 38.98
CA GLU A 249 8.97 12.66 37.81
C GLU A 249 7.92 11.77 37.13
N TRP A 250 7.04 11.20 37.94
CA TRP A 250 5.99 10.34 37.43
C TRP A 250 4.96 11.14 36.63
N GLU A 251 4.64 12.36 37.07
CA GLU A 251 3.79 13.28 36.30
C GLU A 251 4.35 13.64 34.92
N ILE A 252 5.67 13.73 34.82
CA ILE A 252 6.35 13.98 33.56
C ILE A 252 6.26 12.73 32.68
N MET A 253 6.54 11.57 33.28
CA MET A 253 6.45 10.28 32.60
C MET A 253 5.07 10.08 31.97
N LYS A 254 4.03 10.52 32.67
CA LYS A 254 2.65 10.35 32.24
C LYS A 254 2.36 11.12 30.96
N LYS A 255 3.13 12.17 30.70
CA LYS A 255 2.96 12.99 29.52
C LYS A 255 3.36 12.29 28.23
N HIS A 256 3.96 11.09 28.31
CA HIS A 256 4.31 10.37 27.08
C HIS A 256 3.06 10.10 26.27
N THR A 257 1.89 10.16 26.92
CA THR A 257 0.62 10.00 26.25
C THR A 257 0.32 11.21 25.34
N ILE A 258 0.37 12.40 25.95
CA ILE A 258 0.22 13.68 25.26
C ILE A 258 1.29 13.85 24.17
N TYR A 259 2.53 13.51 24.49
CA TYR A 259 3.60 13.62 23.50
C TYR A 259 3.37 12.74 22.27
N GLY A 260 2.87 11.52 22.48
CA GLY A 260 2.58 10.61 21.39
C GLY A 260 1.45 11.16 20.51
N TYR A 261 0.44 11.70 21.16
CA TYR A 261 -0.62 12.35 20.47
C TYR A 261 -0.08 13.47 19.56
N GLU A 262 0.78 14.32 20.11
CA GLU A 262 1.37 15.46 19.34
C GLU A 262 2.17 14.98 18.17
N ILE A 263 2.92 13.89 18.34
CA ILE A 263 3.67 13.31 17.22
C ILE A 263 2.73 12.81 16.10
N LEU A 264 1.60 12.21 16.48
CA LEU A 264 0.80 11.46 15.52
C LEU A 264 -0.34 12.25 14.89
N LYS A 265 -0.84 13.25 15.59
CA LYS A 265 -2.10 13.88 15.26
C LYS A 265 -2.05 14.74 13.99
N GLY A 266 -0.88 15.14 13.51
CA GLY A 266 -0.80 15.91 12.26
C GLY A 266 -1.06 15.10 10.98
N GLY A 267 -1.95 14.11 11.07
CA GLY A 267 -2.33 13.29 9.92
C GLY A 267 -3.60 13.77 9.23
N ASP A 268 -3.91 13.14 8.10
CA ASP A 268 -5.22 13.23 7.46
C ASP A 268 -5.79 11.81 7.30
N SER A 269 -4.90 10.84 7.45
CA SER A 269 -5.23 9.46 7.23
C SER A 269 -5.90 8.89 8.49
N ARG A 270 -6.81 7.95 8.28
CA ARG A 270 -7.51 7.30 9.38
C ARG A 270 -6.55 6.56 10.31
N LEU A 271 -5.52 5.93 9.76
CA LEU A 271 -4.49 5.29 10.53
C LEU A 271 -3.87 6.22 11.59
N LEU A 272 -3.52 7.43 11.19
CA LEU A 272 -2.89 8.34 12.14
C LEU A 272 -3.85 8.93 13.15
N GLN A 273 -5.09 9.15 12.71
CA GLN A 273 -6.14 9.63 13.60
C GLN A 273 -6.43 8.62 14.70
N ILE A 274 -6.45 7.34 14.34
CA ILE A 274 -6.62 6.28 15.32
C ILE A 274 -5.35 6.14 16.21
N ALA A 275 -4.18 6.11 15.58
CA ALA A 275 -2.95 5.94 16.34
C ALA A 275 -2.75 7.02 17.39
N ALA A 276 -3.08 8.27 17.03
CA ALA A 276 -3.01 9.42 17.95
C ALA A 276 -3.94 9.23 19.14
N ASP A 277 -5.18 8.79 18.88
CA ASP A 277 -6.11 8.49 19.98
C ASP A 277 -5.60 7.39 20.90
N ILE A 278 -5.01 6.33 20.34
CA ILE A 278 -4.49 5.24 21.16
C ILE A 278 -3.34 5.76 22.02
N ALA A 279 -2.46 6.58 21.42
CA ALA A 279 -1.31 7.12 22.14
C ALA A 279 -1.80 7.92 23.34
N ILE A 280 -2.84 8.71 23.17
CA ILE A 280 -3.29 9.50 24.30
C ILE A 280 -4.24 8.78 25.29
N GLU A 281 -4.79 7.64 24.89
CA GLU A 281 -5.87 7.00 25.67
C GLU A 281 -5.46 5.76 26.40
N HIS A 282 -4.33 5.16 26.02
CA HIS A 282 -4.05 3.81 26.43
C HIS A 282 -3.84 3.60 27.93
N HIS A 283 -3.69 4.69 28.72
CA HIS A 283 -3.59 4.57 30.18
C HIS A 283 -4.86 5.04 30.84
N GLU A 284 -5.88 5.37 30.05
CA GLU A 284 -7.17 5.69 30.64
C GLU A 284 -7.83 4.37 31.12
N ARG A 285 -8.72 4.47 32.10
CA ARG A 285 -9.32 3.26 32.69
C ARG A 285 -10.81 3.36 32.57
N TRP A 286 -11.45 2.26 32.23
CA TRP A 286 -12.90 2.24 32.06
C TRP A 286 -13.65 3.00 33.13
N ASP A 287 -13.26 2.82 34.40
CA ASP A 287 -13.96 3.52 35.52
C ASP A 287 -13.56 4.99 35.72
N GLY A 288 -12.69 5.51 34.85
CA GLY A 288 -12.34 6.91 34.89
C GLY A 288 -11.19 7.26 35.84
N THR A 289 -10.48 6.23 36.32
CA THR A 289 -9.38 6.43 37.30
C THR A 289 -7.99 6.39 36.67
N GLY A 290 -7.89 6.46 35.35
CA GLY A 290 -6.60 6.40 34.68
C GLY A 290 -6.07 7.78 34.34
N TYR A 291 -5.07 7.83 33.48
CA TYR A 291 -4.48 9.10 33.08
C TYR A 291 -4.31 9.20 31.56
N PRO A 292 -4.05 10.42 31.03
CA PRO A 292 -3.83 11.72 31.68
C PRO A 292 -5.09 12.46 32.05
N PHE A 293 -6.26 12.05 31.56
CA PHE A 293 -7.43 12.90 31.74
C PHE A 293 -8.54 12.32 32.59
N GLY A 294 -8.44 11.04 32.94
CA GLY A 294 -9.52 10.40 33.66
C GLY A 294 -10.77 10.17 32.85
N LYS A 295 -10.62 9.91 31.55
CA LYS A 295 -11.78 9.56 30.72
C LYS A 295 -12.47 8.28 31.22
N LYS A 296 -13.76 8.17 30.95
CA LYS A 296 -14.60 7.15 31.55
C LYS A 296 -15.40 6.41 30.47
N GLY A 297 -15.49 5.08 30.58
CA GLY A 297 -16.30 4.30 29.66
C GLY A 297 -16.10 4.67 28.20
N GLU A 298 -17.19 5.01 27.52
CA GLU A 298 -17.14 5.24 26.07
C GLU A 298 -16.54 6.58 25.65
N GLU A 299 -16.21 7.43 26.61
CA GLU A 299 -15.38 8.59 26.31
C GLU A 299 -14.01 8.15 25.82
N ILE A 300 -13.60 6.92 26.13
CA ILE A 300 -12.38 6.33 25.58
C ILE A 300 -12.73 5.64 24.26
N SER A 301 -12.03 5.95 23.18
CA SER A 301 -12.35 5.32 21.88
C SER A 301 -12.16 3.82 22.01
N ILE A 302 -12.89 3.07 21.21
CA ILE A 302 -12.85 1.64 21.29
C ILE A 302 -11.44 1.15 21.01
N TYR A 303 -10.72 1.87 20.15
CA TYR A 303 -9.35 1.48 19.80
C TYR A 303 -8.41 1.58 21.01
N GLY A 304 -8.64 2.58 21.86
CA GLY A 304 -7.81 2.74 23.07
C GLY A 304 -8.15 1.62 24.07
N ARG A 305 -9.44 1.30 24.19
CA ARG A 305 -9.90 0.24 25.10
C ARG A 305 -9.33 -1.12 24.71
N MET A 306 -9.22 -1.38 23.39
CA MET A 306 -8.70 -2.65 22.90
CA MET A 306 -8.68 -2.65 22.91
C MET A 306 -7.19 -2.78 23.10
N THR A 307 -6.50 -1.66 22.99
CA THR A 307 -5.05 -1.65 23.19
C THR A 307 -4.72 -1.81 24.68
N SER A 308 -5.47 -1.19 25.58
CA SER A 308 -5.14 -1.35 27.00
C SER A 308 -5.21 -2.83 27.39
N ILE A 309 -6.25 -3.53 26.90
CA ILE A 309 -6.41 -4.93 27.22
C ILE A 309 -5.23 -5.73 26.67
N SER A 310 -4.86 -5.46 25.42
CA SER A 310 -3.80 -6.26 24.75
C SER A 310 -2.40 -6.03 25.35
N ASP A 311 -2.15 -4.78 25.72
CA ASP A 311 -0.85 -4.39 26.27
C ASP A 311 -0.66 -5.01 27.68
N VAL A 312 -1.65 -4.89 28.54
CA VAL A 312 -1.61 -5.58 29.87
C VAL A 312 -1.46 -7.10 29.71
N PHE A 313 -2.20 -7.70 28.76
CA PHE A 313 -2.11 -9.13 28.56
C PHE A 313 -0.68 -9.53 28.23
N ASP A 314 -0.06 -8.77 27.32
CA ASP A 314 1.30 -9.11 26.92
C ASP A 314 2.25 -9.00 28.11
N ALA A 315 2.04 -8.01 28.95
CA ALA A 315 2.94 -7.80 30.11
C ALA A 315 2.75 -8.89 31.18
N LEU A 316 1.51 -9.30 31.47
CA LEU A 316 1.26 -10.38 32.46
C LEU A 316 1.85 -11.71 32.03
N THR A 317 2.01 -11.89 30.73
CA THR A 317 2.45 -13.16 30.14
C THR A 317 3.91 -13.18 29.71
N SER A 318 4.69 -12.19 30.17
CA SER A 318 6.12 -12.19 29.97
C SER A 318 6.87 -12.28 31.30
N ASP A 319 7.93 -13.07 31.35
CA ASP A 319 8.77 -13.19 32.55
C ASP A 319 9.59 -11.95 32.79
N ARG A 320 9.80 -11.64 34.07
CA ARG A 320 10.82 -10.69 34.50
C ARG A 320 11.56 -11.34 35.66
N PRO A 321 12.77 -10.84 35.98
CA PRO A 321 13.45 -11.34 37.19
C PRO A 321 12.52 -11.39 38.41
N TYR A 322 12.43 -12.54 39.07
CA TYR A 322 11.59 -12.73 40.28
C TYR A 322 10.10 -12.80 40.01
N LYS A 323 9.70 -12.48 38.78
CA LYS A 323 8.31 -12.28 38.42
C LYS A 323 8.03 -13.15 37.19
N LYS A 324 7.75 -14.41 37.45
CA LYS A 324 7.39 -15.38 36.45
C LYS A 324 6.09 -14.95 35.69
N ALA A 325 6.06 -15.13 34.38
CA ALA A 325 4.84 -14.89 33.60
C ALA A 325 3.64 -15.60 34.24
N TRP A 326 2.50 -14.92 34.33
CA TRP A 326 1.29 -15.61 34.74
C TRP A 326 0.77 -16.56 33.68
N ASP A 327 0.15 -17.68 34.11
CA ASP A 327 -0.37 -18.66 33.17
C ASP A 327 -1.78 -18.30 32.77
N MET A 328 -2.40 -19.14 31.93
CA MET A 328 -3.74 -18.82 31.43
C MET A 328 -4.75 -18.61 32.53
N ASP A 329 -4.82 -19.55 33.48
CA ASP A 329 -5.79 -19.46 34.57
C ASP A 329 -5.61 -18.20 35.41
N ARG A 330 -4.38 -17.92 35.81
CA ARG A 330 -4.12 -16.71 36.60
C ARG A 330 -4.48 -15.41 35.82
N THR A 331 -4.14 -15.39 34.53
CA THR A 331 -4.41 -14.22 33.67
C THR A 331 -5.92 -14.01 33.51
N VAL A 332 -6.64 -15.12 33.26
CA VAL A 332 -8.08 -15.04 33.11
C VAL A 332 -8.70 -14.43 34.37
N ARG A 333 -8.29 -14.92 35.55
CA ARG A 333 -8.80 -14.41 36.83
C ARG A 333 -8.54 -12.91 36.98
N PHE A 334 -7.31 -12.48 36.71
CA PHE A 334 -7.02 -11.04 36.76
C PHE A 334 -7.96 -10.24 35.85
N PHE A 335 -8.15 -10.71 34.61
CA PHE A 335 -9.07 -9.95 33.71
C PHE A 335 -10.50 -9.87 34.22
N LYS A 336 -11.01 -10.97 34.79
CA LYS A 336 -12.35 -10.91 35.39
C LYS A 336 -12.41 -9.92 36.53
N GLU A 337 -11.39 -9.91 37.40
CA GLU A 337 -11.30 -8.93 38.49
C GLU A 337 -11.33 -7.50 37.95
N GLN A 338 -10.57 -7.25 36.87
CA GLN A 338 -10.49 -5.89 36.30
C GLN A 338 -11.65 -5.45 35.39
N LYS A 339 -12.60 -6.35 35.11
CA LYS A 339 -13.79 -6.00 34.32
C LYS A 339 -14.52 -4.84 34.94
N GLY A 340 -14.77 -3.79 34.16
CA GLY A 340 -15.47 -2.62 34.69
C GLY A 340 -14.58 -1.72 35.54
N LYS A 341 -13.31 -2.09 35.72
CA LYS A 341 -12.40 -1.25 36.48
C LYS A 341 -11.38 -0.64 35.52
N HIS A 342 -10.32 -1.38 35.24
CA HIS A 342 -9.39 -0.99 34.20
C HIS A 342 -10.06 -1.11 32.85
N PHE A 343 -10.80 -2.21 32.63
CA PHE A 343 -11.19 -2.61 31.27
C PHE A 343 -12.68 -2.60 30.95
N ASP A 344 -12.96 -2.35 29.67
CA ASP A 344 -14.31 -2.45 29.10
C ASP A 344 -14.85 -3.87 29.36
N PRO A 345 -15.96 -3.99 30.11
CA PRO A 345 -16.54 -5.33 30.43
C PRO A 345 -16.90 -6.16 29.17
N PHE A 346 -17.53 -5.51 28.20
CA PHE A 346 -17.90 -6.15 26.93
C PHE A 346 -16.69 -6.67 26.15
N LEU A 347 -15.66 -5.83 25.98
CA LEU A 347 -14.45 -6.27 25.30
C LEU A 347 -13.70 -7.34 26.08
N THR A 348 -13.71 -7.24 27.41
CA THR A 348 -13.02 -8.25 28.22
C THR A 348 -13.62 -9.66 27.97
N ASP A 349 -14.95 -9.70 27.93
CA ASP A 349 -15.68 -10.95 27.61
C ASP A 349 -15.23 -11.51 26.27
N ILE A 350 -15.22 -10.65 25.24
CA ILE A 350 -14.77 -11.06 23.93
C ILE A 350 -13.34 -11.54 24.00
N PHE A 351 -12.48 -10.76 24.68
CA PHE A 351 -11.08 -11.14 24.81
C PHE A 351 -10.93 -12.50 25.52
N LEU A 352 -11.65 -12.69 26.62
CA LEU A 352 -11.64 -13.99 27.35
C LEU A 352 -12.13 -15.19 26.51
N LYS A 353 -13.16 -14.97 25.68
CA LYS A 353 -13.63 -16.06 24.79
C LYS A 353 -12.55 -16.48 23.78
N ASN A 354 -11.58 -15.59 23.55
CA ASN A 354 -10.56 -15.82 22.54
C ASN A 354 -9.14 -15.92 23.07
N ILE A 355 -8.99 -16.12 24.40
CA ILE A 355 -7.67 -16.00 25.04
C ILE A 355 -6.70 -17.05 24.55
N ASP A 356 -7.19 -18.20 24.10
CA ASP A 356 -6.30 -19.20 23.52
C ASP A 356 -5.59 -18.66 22.25
N GLN A 357 -6.27 -17.76 21.55
CA GLN A 357 -5.68 -17.19 20.31
C GLN A 357 -4.54 -16.24 20.69
N MET A 358 -4.71 -15.56 21.81
CA MET A 358 -3.69 -14.65 22.37
C MET A 358 -2.45 -15.42 22.80
N PHE A 359 -2.64 -16.50 23.59
CA PHE A 359 -1.53 -17.36 23.94
C PHE A 359 -0.84 -17.97 22.74
N SER A 360 -1.57 -18.36 21.69
CA SER A 360 -0.91 -18.86 20.47
C SER A 360 0.03 -17.82 19.82
N ILE A 361 -0.40 -16.56 19.76
CA ILE A 361 0.46 -15.48 19.24
C ILE A 361 1.72 -15.38 20.11
N LYS A 362 1.55 -15.32 21.44
CA LYS A 362 2.66 -15.21 22.38
C LYS A 362 3.65 -16.35 22.19
N ARG A 363 3.16 -17.56 21.91
CA ARG A 363 4.02 -18.71 21.69
C ARG A 363 4.72 -18.68 20.33
N GLU A 364 4.08 -18.12 19.33
CA GLU A 364 4.63 -18.09 17.97
C GLU A 364 5.67 -16.98 17.73
N LEU A 365 5.51 -15.86 18.44
CA LEU A 365 6.43 -14.73 18.31
CA LEU A 365 6.42 -14.71 18.31
C LEU A 365 6.98 -14.38 19.69
N ARG A 366 8.05 -15.06 20.08
CA ARG A 366 8.66 -14.91 21.40
C ARG A 366 9.38 -13.56 21.52
N TYR B 4 -13.23 -11.55 -43.42
CA TYR B 4 -14.00 -12.30 -42.37
C TYR B 4 -13.73 -11.76 -40.97
N GLN B 5 -14.75 -11.85 -40.11
CA GLN B 5 -14.68 -11.35 -38.74
C GLN B 5 -13.92 -12.26 -37.76
N ASP B 6 -13.40 -11.65 -36.70
CA ASP B 6 -12.79 -12.38 -35.61
C ASP B 6 -13.89 -12.63 -34.59
N PRO B 7 -14.24 -13.92 -34.33
CA PRO B 7 -15.28 -14.19 -33.32
C PRO B 7 -14.85 -13.75 -31.91
N GLU B 8 -13.54 -13.72 -31.64
CA GLU B 8 -13.03 -13.33 -30.31
C GLU B 8 -12.65 -11.84 -30.21
N ARG B 9 -13.08 -11.04 -31.18
CA ARG B 9 -12.61 -9.67 -31.28
C ARG B 9 -12.89 -8.85 -30.02
N LYS B 10 -14.13 -8.85 -29.57
CA LYS B 10 -14.47 -8.06 -28.40
C LYS B 10 -13.78 -8.58 -27.15
N LEU B 11 -13.61 -9.90 -27.07
CA LEU B 11 -12.94 -10.52 -25.94
C LEU B 11 -11.50 -10.01 -25.83
N LYS B 12 -10.78 -10.00 -26.94
CA LYS B 12 -9.39 -9.56 -26.95
C LYS B 12 -9.32 -8.05 -26.65
N ILE B 13 -10.29 -7.30 -27.15
CA ILE B 13 -10.36 -5.87 -26.86
C ILE B 13 -10.55 -5.63 -25.38
N LEU B 14 -11.46 -6.40 -24.78
CA LEU B 14 -11.71 -6.31 -23.34
C LEU B 14 -10.48 -6.67 -22.49
N LEU B 15 -9.75 -7.70 -22.89
CA LEU B 15 -8.57 -8.09 -22.17
C LEU B 15 -7.52 -6.95 -22.17
N ASP B 16 -7.37 -6.29 -23.33
CA ASP B 16 -6.44 -5.17 -23.50
C ASP B 16 -6.83 -3.98 -22.61
N TYR B 17 -8.10 -3.59 -22.64
CA TYR B 17 -8.58 -2.58 -21.70
C TYR B 17 -8.31 -2.96 -20.24
N SER B 18 -8.55 -4.22 -19.90
CA SER B 18 -8.35 -4.69 -18.53
C SER B 18 -6.88 -4.62 -18.13
N SER B 19 -5.96 -4.95 -19.03
CA SER B 19 -4.54 -4.78 -18.77
C SER B 19 -4.15 -3.34 -18.53
N LYS B 20 -4.69 -2.44 -19.35
CA LYS B 20 -4.43 -1.00 -19.26
C LYS B 20 -4.91 -0.46 -17.94
N ILE B 21 -6.15 -0.82 -17.59
CA ILE B 21 -6.77 -0.39 -16.35
C ILE B 21 -6.03 -0.89 -15.11
N ALA B 22 -5.59 -2.15 -15.11
CA ALA B 22 -4.87 -2.73 -13.97
C ALA B 22 -3.54 -2.02 -13.69
N ASN B 23 -2.99 -1.37 -14.72
CA ASN B 23 -1.71 -0.70 -14.63
C ASN B 23 -1.84 0.74 -14.19
N GLU B 24 -3.05 1.25 -14.22
CA GLU B 24 -3.31 2.67 -14.11
C GLU B 24 -3.65 3.08 -12.68
N LYS B 25 -2.78 3.84 -12.03
CA LYS B 25 -3.05 4.27 -10.66
C LYS B 25 -3.91 5.53 -10.53
N ASP B 26 -3.93 6.36 -11.57
CA ASP B 26 -4.72 7.58 -11.58
C ASP B 26 -6.24 7.36 -11.81
N LEU B 27 -7.07 7.73 -10.83
CA LEU B 27 -8.52 7.55 -10.93
C LEU B 27 -9.09 8.18 -12.20
N ARG B 28 -8.60 9.35 -12.56
CA ARG B 28 -9.04 10.04 -13.77
C ARG B 28 -8.95 9.17 -15.00
N ASN B 29 -7.80 8.54 -15.20
CA ASN B 29 -7.60 7.76 -16.38
C ASN B 29 -8.32 6.41 -16.29
N VAL B 30 -8.40 5.82 -15.10
CA VAL B 30 -9.24 4.64 -14.90
C VAL B 30 -10.67 4.95 -15.38
N LEU B 31 -11.21 6.10 -14.98
CA LEU B 31 -12.55 6.47 -15.41
C LEU B 31 -12.68 6.61 -16.94
N LEU B 32 -11.70 7.27 -17.57
CA LEU B 32 -11.61 7.35 -19.02
C LEU B 32 -11.57 5.99 -19.70
N PHE B 33 -10.70 5.11 -19.22
CA PHE B 33 -10.54 3.82 -19.85
C PHE B 33 -11.82 2.98 -19.69
N LEU B 34 -12.52 3.13 -18.57
CA LEU B 34 -13.77 2.38 -18.34
C LEU B 34 -14.86 2.86 -19.30
N THR B 35 -14.90 4.16 -19.53
CA THR B 35 -15.81 4.79 -20.46
C THR B 35 -15.55 4.32 -21.91
N ASP B 36 -14.28 4.30 -22.33
CA ASP B 36 -13.92 3.83 -23.67
C ASP B 36 -14.31 2.37 -23.82
N LEU B 37 -14.03 1.59 -22.79
CA LEU B 37 -14.39 0.18 -22.76
C LEU B 37 -15.89 0.02 -22.99
N ALA B 38 -16.72 0.73 -22.21
CA ALA B 38 -18.17 0.62 -22.33
C ALA B 38 -18.64 0.94 -23.75
N LYS B 39 -18.13 2.04 -24.32
CA LYS B 39 -18.54 2.43 -25.67
C LYS B 39 -18.34 1.32 -26.69
N GLU B 40 -17.16 0.69 -26.66
CA GLU B 40 -16.81 -0.34 -27.62
C GLU B 40 -17.53 -1.65 -27.40
N ILE B 41 -17.66 -2.05 -26.15
CA ILE B 41 -18.32 -3.30 -25.77
C ILE B 41 -19.84 -3.20 -25.95
N MET B 42 -20.43 -2.07 -25.55
CA MET B 42 -21.88 -1.84 -25.67
C MET B 42 -22.30 -1.34 -27.05
N GLU B 43 -21.31 -1.08 -27.90
CA GLU B 43 -21.51 -0.47 -29.21
C GLU B 43 -22.41 0.76 -29.10
N ALA B 44 -22.00 1.66 -28.21
CA ALA B 44 -22.73 2.90 -27.94
C ALA B 44 -21.87 4.08 -28.31
N ASP B 45 -22.52 5.17 -28.69
CA ASP B 45 -21.81 6.36 -29.10
C ASP B 45 -21.16 7.12 -27.94
N ARG B 46 -21.80 7.10 -26.77
CA ARG B 46 -21.30 7.82 -25.59
C ARG B 46 -21.48 7.02 -24.32
N ALA B 47 -20.62 7.27 -23.34
CA ALA B 47 -20.74 6.60 -22.03
C ALA B 47 -20.24 7.55 -20.93
N SER B 48 -20.82 7.43 -19.74
CA SER B 48 -20.49 8.28 -18.60
C SER B 48 -20.54 7.50 -17.29
N ILE B 49 -19.63 7.86 -16.39
CA ILE B 49 -19.65 7.36 -15.02
C ILE B 49 -19.85 8.52 -14.10
N PHE B 50 -20.83 8.38 -13.21
CA PHE B 50 -21.11 9.36 -12.19
C PHE B 50 -20.78 8.76 -10.84
N LEU B 51 -20.00 9.49 -10.05
CA LEU B 51 -19.65 9.03 -8.72
C LEU B 51 -20.16 10.02 -7.68
N TYR B 52 -20.44 9.53 -6.48
CA TYR B 52 -21.03 10.39 -5.47
C TYR B 52 -19.97 11.02 -4.55
N ASP B 53 -20.06 12.33 -4.36
CA ASP B 53 -19.21 13.07 -3.43
C ASP B 53 -19.93 13.24 -2.08
N ASP B 54 -19.39 12.56 -1.05
CA ASP B 54 -19.86 12.68 0.35
C ASP B 54 -20.03 14.09 0.85
N GLN B 55 -19.08 14.96 0.52
CA GLN B 55 -19.05 16.32 1.05
C GLN B 55 -20.04 17.26 0.36
N LYS B 56 -19.93 17.41 -0.95
CA LYS B 56 -20.74 18.40 -1.68
C LYS B 56 -22.17 17.93 -1.92
N LYS B 57 -22.47 16.68 -1.55
CA LYS B 57 -23.77 16.05 -1.77
C LYS B 57 -24.19 16.08 -3.23
N THR B 58 -23.28 15.69 -4.11
CA THR B 58 -23.58 15.61 -5.54
C THR B 58 -22.88 14.41 -6.18
N LEU B 59 -23.47 13.92 -7.26
CA LEU B 59 -22.79 13.08 -8.20
C LEU B 59 -21.86 13.99 -8.96
N TRP B 60 -20.84 13.42 -9.57
CA TRP B 60 -19.98 14.19 -10.47
C TRP B 60 -19.47 13.28 -11.54
N THR B 61 -19.01 13.89 -12.62
CA THR B 61 -18.45 13.17 -13.75
C THR B 61 -17.39 14.05 -14.38
N ILE B 62 -16.48 13.44 -15.15
CA ILE B 62 -15.53 14.18 -15.97
C ILE B 62 -16.01 14.07 -17.40
N VAL B 63 -16.27 15.20 -18.04
CA VAL B 63 -16.87 15.24 -19.39
C VAL B 63 -15.93 14.72 -20.46
N ALA B 64 -14.69 15.21 -20.43
CA ALA B 64 -13.70 14.86 -21.43
C ALA B 64 -12.34 14.68 -20.77
N HIS B 65 -11.45 14.04 -21.51
CA HIS B 65 -10.04 13.92 -21.16
C HIS B 65 -9.46 15.26 -20.74
N GLY B 66 -9.01 15.34 -19.49
CA GLY B 66 -8.29 16.51 -18.98
C GLY B 66 -9.08 17.71 -18.49
N VAL B 67 -10.41 17.61 -18.51
CA VAL B 67 -11.27 18.73 -18.09
C VAL B 67 -11.83 18.51 -16.66
N ASP B 68 -12.35 19.57 -16.03
CA ASP B 68 -12.77 19.53 -14.62
C ASP B 68 -13.93 18.58 -14.25
N ARG B 69 -14.12 18.39 -12.94
CA ARG B 69 -15.28 17.69 -12.38
C ARG B 69 -16.54 18.49 -12.64
N ILE B 70 -17.48 17.89 -13.35
CA ILE B 70 -18.81 18.48 -13.48
C ILE B 70 -19.73 17.85 -12.43
N GLU B 71 -20.27 18.69 -11.56
CA GLU B 71 -21.24 18.25 -10.55
C GLU B 71 -22.64 18.02 -11.18
N ILE B 72 -23.29 16.94 -10.75
CA ILE B 72 -24.60 16.54 -11.26
C ILE B 72 -25.57 16.47 -10.07
N ASP B 73 -26.80 16.90 -10.30
CA ASP B 73 -27.84 16.87 -9.28
C ASP B 73 -28.35 15.42 -9.11
N ALA B 74 -28.07 14.81 -7.95
CA ALA B 74 -28.50 13.43 -7.67
C ALA B 74 -30.01 13.28 -7.44
N ASP B 75 -30.73 14.38 -7.34
CA ASP B 75 -32.17 14.32 -7.09
C ASP B 75 -33.03 14.41 -8.35
N LYS B 76 -32.37 14.48 -9.50
CA LYS B 76 -32.98 14.85 -10.75
C LYS B 76 -32.43 13.95 -11.85
N GLY B 77 -33.09 13.94 -13.01
CA GLY B 77 -32.58 13.28 -14.18
C GLY B 77 -32.53 11.77 -14.09
N ILE B 78 -31.94 11.17 -15.12
CA ILE B 78 -31.93 9.73 -15.29
C ILE B 78 -30.90 9.10 -14.37
N ALA B 79 -29.70 9.68 -14.32
CA ALA B 79 -28.61 9.17 -13.47
C ALA B 79 -29.06 9.25 -12.02
N GLY B 80 -29.63 10.39 -11.66
CA GLY B 80 -30.19 10.61 -10.32
C GLY B 80 -31.20 9.56 -9.89
N TYR B 81 -32.08 9.14 -10.82
CA TYR B 81 -33.08 8.12 -10.50
C TYR B 81 -32.41 6.82 -10.15
N VAL B 82 -31.46 6.42 -11.00
CA VAL B 82 -30.75 5.17 -10.86
C VAL B 82 -29.93 5.18 -9.57
N PHE B 83 -29.22 6.29 -9.33
CA PHE B 83 -28.43 6.44 -8.12
C PHE B 83 -29.27 6.30 -6.85
N ARG B 84 -30.44 6.92 -6.82
CA ARG B 84 -31.29 6.88 -5.64
C ARG B 84 -32.02 5.56 -5.38
N THR B 85 -32.52 4.91 -6.43
CA THR B 85 -33.42 3.75 -6.29
C THR B 85 -32.64 2.46 -6.40
N GLY B 86 -31.52 2.51 -7.11
CA GLY B 86 -30.76 1.32 -7.43
C GLY B 86 -31.40 0.56 -8.58
N GLU B 87 -32.38 1.17 -9.24
CA GLU B 87 -33.02 0.50 -10.37
C GLU B 87 -32.50 0.95 -11.71
N ILE B 88 -32.58 0.03 -12.67
CA ILE B 88 -32.07 0.25 -14.03
C ILE B 88 -33.07 1.07 -14.85
N LEU B 89 -32.57 2.05 -15.58
CA LEU B 89 -33.39 2.77 -16.54
C LEU B 89 -32.91 2.47 -17.94
N ASN B 90 -33.83 2.00 -18.77
CA ASN B 90 -33.56 1.78 -20.18
C ASN B 90 -34.57 2.62 -20.96
N ILE B 91 -34.10 3.73 -21.53
CA ILE B 91 -34.95 4.68 -22.21
C ILE B 91 -34.85 4.48 -23.73
N PRO B 92 -35.95 4.06 -24.37
CA PRO B 92 -35.95 3.90 -25.83
C PRO B 92 -35.92 5.23 -26.61
N ASP B 93 -36.51 6.29 -26.06
CA ASP B 93 -36.49 7.63 -26.67
C ASP B 93 -36.41 8.73 -25.62
N ALA B 94 -35.25 9.39 -25.55
CA ALA B 94 -34.98 10.37 -24.50
C ALA B 94 -35.95 11.56 -24.55
N TYR B 95 -36.33 11.94 -25.76
CA TYR B 95 -37.21 13.10 -25.95
C TYR B 95 -38.65 12.88 -25.52
N LYS B 96 -38.95 11.67 -25.06
CA LYS B 96 -40.28 11.34 -24.53
C LYS B 96 -40.24 11.13 -23.02
N ASP B 97 -39.06 11.28 -22.44
CA ASP B 97 -38.89 11.12 -21.01
C ASP B 97 -38.69 12.50 -20.37
N PRO B 98 -39.63 12.92 -19.49
CA PRO B 98 -39.52 14.22 -18.82
C PRO B 98 -38.31 14.36 -17.91
N ARG B 99 -37.66 13.24 -17.54
CA ARG B 99 -36.46 13.29 -16.71
C ARG B 99 -35.22 13.68 -17.52
N PHE B 100 -35.36 13.85 -18.84
CA PHE B 100 -34.20 14.15 -19.69
C PHE B 100 -34.07 15.62 -20.05
N ASP B 101 -32.86 16.15 -19.87
CA ASP B 101 -32.58 17.54 -20.14
C ASP B 101 -31.89 17.78 -21.47
N ARG B 102 -32.57 18.54 -22.33
CA ARG B 102 -32.14 18.75 -23.71
C ARG B 102 -31.14 19.88 -23.90
N ASP B 103 -30.80 20.60 -22.83
CA ASP B 103 -29.94 21.79 -22.95
C ASP B 103 -28.59 21.50 -23.58
N ILE B 104 -27.93 20.45 -23.10
CA ILE B 104 -26.66 20.01 -23.69
C ILE B 104 -26.86 19.64 -25.17
N ASP B 105 -27.97 18.93 -25.44
CA ASP B 105 -28.38 18.59 -26.79
C ASP B 105 -28.65 19.83 -27.63
N LYS B 106 -29.33 20.82 -27.03
CA LYS B 106 -29.74 22.05 -27.73
C LYS B 106 -28.55 22.89 -28.19
N ARG B 107 -27.52 22.97 -27.34
CA ARG B 107 -26.32 23.76 -27.65
C ARG B 107 -25.45 23.11 -28.73
N THR B 108 -24.88 21.94 -28.44
CA THR B 108 -24.17 21.14 -29.46
C THR B 108 -25.22 20.59 -30.41
N GLY B 109 -24.85 20.32 -31.66
CA GLY B 109 -25.79 19.74 -32.61
C GLY B 109 -26.06 18.25 -32.35
N TYR B 110 -26.06 17.85 -31.08
CA TYR B 110 -26.21 16.43 -30.70
C TYR B 110 -27.66 16.02 -30.40
N ARG B 111 -28.03 14.82 -30.84
CA ARG B 111 -29.37 14.28 -30.60
C ARG B 111 -29.32 12.97 -29.80
N THR B 112 -29.76 13.05 -28.55
CA THR B 112 -29.78 11.89 -27.66
C THR B 112 -31.06 11.10 -27.85
N ARG B 113 -30.89 9.84 -28.22
CA ARG B 113 -32.03 8.98 -28.51
C ARG B 113 -32.22 7.97 -27.39
N THR B 114 -31.28 7.05 -27.25
CA THR B 114 -31.40 5.97 -26.29
C THR B 114 -30.41 6.13 -25.14
N ILE B 115 -30.88 5.80 -23.94
CA ILE B 115 -30.09 5.93 -22.72
C ILE B 115 -30.28 4.65 -21.92
N LEU B 116 -29.17 4.08 -21.49
CA LEU B 116 -29.19 2.94 -20.56
C LEU B 116 -28.29 3.26 -19.36
N ALA B 117 -28.87 3.28 -18.17
CA ALA B 117 -28.15 3.60 -16.93
C ALA B 117 -28.39 2.52 -15.84
N VAL B 118 -27.29 2.03 -15.27
CA VAL B 118 -27.31 1.05 -14.17
C VAL B 118 -26.51 1.60 -12.96
N PRO B 119 -26.86 1.16 -11.72
CA PRO B 119 -26.12 1.59 -10.53
C PRO B 119 -24.73 0.98 -10.43
N LEU B 120 -23.83 1.66 -9.73
CA LEU B 120 -22.56 1.03 -9.31
C LEU B 120 -22.70 0.68 -7.83
N PHE B 121 -22.25 -0.51 -7.44
CA PHE B 121 -22.35 -0.93 -6.02
C PHE B 121 -20.97 -1.16 -5.41
N ASP B 122 -20.75 -0.72 -4.18
CA ASP B 122 -19.50 -1.10 -3.49
C ASP B 122 -19.58 -2.54 -2.96
N ARG B 123 -18.54 -2.99 -2.27
CA ARG B 123 -18.55 -4.36 -1.79
C ARG B 123 -19.70 -4.61 -0.79
N LYS B 124 -20.03 -3.61 0.02
CA LYS B 124 -21.13 -3.73 0.99
C LYS B 124 -22.53 -3.43 0.40
N GLN B 125 -22.66 -3.58 -0.91
CA GLN B 125 -23.91 -3.35 -1.66
C GLN B 125 -24.53 -1.94 -1.53
N ASN B 126 -23.76 -0.97 -1.08
CA ASN B 126 -24.20 0.43 -1.12
C ASN B 126 -24.06 0.95 -2.55
N ILE B 127 -24.98 1.82 -2.96
CA ILE B 127 -24.92 2.48 -4.26
C ILE B 127 -23.91 3.61 -4.18
N ILE B 128 -22.88 3.55 -5.01
CA ILE B 128 -21.86 4.59 -5.01
C ILE B 128 -21.83 5.44 -6.28
N GLY B 129 -22.63 5.08 -7.30
CA GLY B 129 -22.66 5.87 -8.52
C GLY B 129 -23.53 5.26 -9.59
N VAL B 130 -23.35 5.72 -10.83
CA VAL B 130 -24.10 5.23 -11.99
C VAL B 130 -23.19 5.09 -13.19
N PHE B 131 -23.38 4.00 -13.93
CA PHE B 131 -22.75 3.83 -15.23
C PHE B 131 -23.82 3.99 -16.32
N GLN B 132 -23.60 4.96 -17.19
CA GLN B 132 -24.56 5.30 -18.24
C GLN B 132 -23.99 5.14 -19.66
N VAL B 133 -24.79 4.60 -20.58
CA VAL B 133 -24.43 4.58 -22.01
C VAL B 133 -25.50 5.24 -22.85
N ILE B 134 -25.08 5.88 -23.94
CA ILE B 134 -25.96 6.70 -24.77
C ILE B 134 -25.82 6.35 -26.25
N ASN B 135 -26.98 6.22 -26.92
CA ASN B 135 -27.08 5.98 -28.38
C ASN B 135 -26.44 4.71 -28.89
N LYS B 136 -27.14 3.60 -28.67
CA LYS B 136 -26.84 2.31 -29.28
C LYS B 136 -26.61 2.52 -30.79
N LEU B 137 -25.51 2.00 -31.32
CA LEU B 137 -25.13 2.27 -32.71
C LEU B 137 -25.68 1.22 -33.68
N THR B 138 -25.83 -0.01 -33.19
CA THR B 138 -26.06 -1.16 -34.05
C THR B 138 -27.45 -1.74 -33.84
N ASN B 139 -28.32 -0.96 -33.20
CA ASN B 139 -29.68 -1.37 -32.94
C ASN B 139 -30.48 -0.13 -32.59
N SER B 140 -31.79 -0.20 -32.75
CA SER B 140 -32.62 0.97 -32.47
C SER B 140 -32.74 1.23 -30.96
N VAL B 141 -32.66 0.17 -30.16
CA VAL B 141 -32.79 0.26 -28.70
C VAL B 141 -31.74 -0.62 -27.99
N PHE B 142 -31.42 -0.28 -26.74
CA PHE B 142 -30.64 -1.16 -25.88
C PHE B 142 -31.53 -2.32 -25.45
N THR B 143 -31.02 -3.54 -25.51
CA THR B 143 -31.85 -4.72 -25.27
C THR B 143 -31.71 -5.29 -23.85
N GLU B 144 -32.43 -6.37 -23.56
CA GLU B 144 -32.26 -7.09 -22.30
C GLU B 144 -30.85 -7.64 -22.16
N GLU B 145 -30.28 -8.13 -23.26
CA GLU B 145 -28.91 -8.59 -23.30
C GLU B 145 -27.91 -7.44 -22.99
N ASP B 146 -28.14 -6.26 -23.56
CA ASP B 146 -27.33 -5.08 -23.27
C ASP B 146 -27.36 -4.74 -21.78
N ILE B 147 -28.52 -4.87 -21.15
CA ILE B 147 -28.66 -4.58 -19.73
C ILE B 147 -27.76 -5.52 -18.93
N GLU B 148 -27.88 -6.81 -19.22
CA GLU B 148 -27.04 -7.82 -18.62
C GLU B 148 -25.56 -7.52 -18.78
N LEU B 149 -25.15 -7.17 -20.00
CA LEU B 149 -23.77 -6.85 -20.25
C LEU B 149 -23.33 -5.62 -19.42
N LEU B 150 -24.13 -4.53 -19.44
CA LEU B 150 -23.78 -3.33 -18.69
C LEU B 150 -23.70 -3.59 -17.18
N ARG B 151 -24.49 -4.54 -16.70
CA ARG B 151 -24.38 -4.91 -15.30
C ARG B 151 -23.09 -5.63 -14.95
N HIS B 152 -22.57 -6.42 -15.87
CA HIS B 152 -21.28 -7.02 -15.63
C HIS B 152 -20.19 -5.96 -15.70
N ILE B 153 -20.36 -4.99 -16.60
CA ILE B 153 -19.37 -3.92 -16.75
C ILE B 153 -19.32 -3.06 -15.47
N SER B 154 -20.51 -2.73 -14.94
CA SER B 154 -20.69 -1.99 -13.71
C SER B 154 -19.97 -2.63 -12.52
N LEU B 155 -20.09 -3.95 -12.40
CA LEU B 155 -19.41 -4.70 -11.36
C LEU B 155 -17.89 -4.57 -11.48
N TYR B 156 -17.39 -4.66 -12.71
CA TYR B 156 -15.97 -4.51 -12.96
C TYR B 156 -15.50 -3.07 -12.68
N ALA B 157 -16.33 -2.09 -13.09
CA ALA B 157 -16.02 -0.69 -12.88
C ALA B 157 -15.94 -0.42 -11.38
N SER B 158 -16.97 -0.85 -10.64
CA SER B 158 -17.01 -0.75 -9.17
C SER B 158 -15.78 -1.26 -8.49
N SER B 159 -15.36 -2.48 -8.86
CA SER B 159 -14.21 -3.08 -8.27
C SER B 159 -12.95 -2.27 -8.55
N THR B 160 -12.77 -1.86 -9.82
CA THR B 160 -11.60 -1.12 -10.24
CA THR B 160 -11.57 -1.14 -10.19
C THR B 160 -11.55 0.23 -9.54
N ILE B 161 -12.69 0.93 -9.54
CA ILE B 161 -12.72 2.22 -8.88
C ILE B 161 -12.34 2.09 -7.40
N GLU B 162 -12.94 1.13 -6.69
CA GLU B 162 -12.65 0.95 -5.26
C GLU B 162 -11.20 0.60 -5.02
N ASN B 163 -10.66 -0.30 -5.85
CA ASN B 163 -9.27 -0.68 -5.74
C ASN B 163 -8.33 0.53 -5.87
N ALA B 164 -8.66 1.45 -6.80
CA ALA B 164 -7.77 2.60 -7.08
C ALA B 164 -7.79 3.52 -5.87
N ILE B 165 -8.97 3.73 -5.34
CA ILE B 165 -9.14 4.51 -4.14
C ILE B 165 -8.49 3.83 -2.92
N LEU B 166 -8.68 2.54 -2.72
CA LEU B 166 -8.05 1.91 -1.56
C LEU B 166 -6.53 2.06 -1.63
N TYR B 167 -5.99 1.90 -2.83
CA TYR B 167 -4.56 1.96 -3.01
C TYR B 167 -3.99 3.35 -2.69
N GLU B 168 -4.71 4.39 -3.10
CA GLU B 168 -4.31 5.77 -2.85
C GLU B 168 -4.40 6.08 -1.35
N LYS B 169 -5.43 5.54 -0.69
CA LYS B 169 -5.57 5.65 0.76
C LYS B 169 -4.38 5.02 1.49
N LEU B 170 -3.98 3.82 1.08
CA LEU B 170 -2.81 3.16 1.62
C LEU B 170 -1.52 3.97 1.37
N LYS B 171 -1.37 4.49 0.15
CA LYS B 171 -0.18 5.20 -0.23
C LYS B 171 0.00 6.43 0.66
N LYS B 172 -1.11 7.12 0.89
CA LYS B 172 -1.16 8.33 1.68
C LYS B 172 -0.85 8.04 3.16
N ALA B 173 -1.46 6.98 3.69
CA ALA B 173 -1.25 6.59 5.07
C ALA B 173 0.22 6.23 5.29
N HIS B 174 0.81 5.59 4.31
CA HIS B 174 2.20 5.15 4.39
C HIS B 174 3.13 6.37 4.44
N GLU B 175 2.91 7.35 3.56
CA GLU B 175 3.67 8.62 3.59
C GLU B 175 3.50 9.34 4.92
N ASP B 176 2.26 9.52 5.33
CA ASP B 176 1.92 10.20 6.56
C ASP B 176 2.64 9.61 7.77
N VAL B 177 2.64 8.28 7.85
CA VAL B 177 3.27 7.58 8.94
C VAL B 177 4.77 7.81 8.97
N ILE B 178 5.38 7.70 7.80
CA ILE B 178 6.81 7.94 7.67
C ILE B 178 7.16 9.38 8.10
N TYR B 179 6.40 10.36 7.60
CA TYR B 179 6.62 11.79 7.91
C TYR B 179 6.47 12.08 9.41
N ARG B 180 5.37 11.61 10.01
CA ARG B 180 5.06 11.89 11.42
C ARG B 180 6.06 11.21 12.35
N LEU B 181 6.31 9.92 12.12
CA LEU B 181 7.24 9.18 12.96
C LEU B 181 8.69 9.69 12.84
N SER B 182 9.05 10.12 11.65
CA SER B 182 10.36 10.74 11.41
C SER B 182 10.55 11.99 12.26
N HIS B 183 9.45 12.68 12.56
CA HIS B 183 9.48 13.89 13.35
C HIS B 183 9.23 13.61 14.82
N ALA B 184 9.40 12.36 15.25
CA ALA B 184 9.26 12.03 16.68
C ALA B 184 10.33 12.76 17.51
N THR B 185 11.38 13.23 16.83
CA THR B 185 12.46 14.05 17.45
C THR B 185 12.05 15.48 17.81
N LYS B 186 10.80 15.83 17.54
CA LYS B 186 10.37 17.23 17.59
C LYS B 186 10.56 17.90 18.96
N PHE B 187 10.56 17.11 20.04
CA PHE B 187 10.65 17.70 21.38
C PHE B 187 12.10 18.02 21.75
N LYS B 188 13.05 17.36 21.12
CA LYS B 188 14.45 17.53 21.52
C LYS B 188 15.37 18.05 20.39
N ASP B 189 14.82 18.28 19.20
CA ASP B 189 15.60 18.71 18.04
C ASP B 189 14.80 19.75 17.26
N PRO B 190 15.49 20.79 16.74
CA PRO B 190 14.68 21.86 16.13
C PRO B 190 14.27 21.61 14.65
N GLU B 191 14.89 20.63 13.96
CA GLU B 191 14.53 20.30 12.54
C GLU B 191 12.99 20.14 12.38
N THR B 192 12.41 20.77 11.35
CA THR B 192 10.95 20.93 11.27
C THR B 192 10.29 19.75 10.53
N GLN B 193 8.97 19.63 10.66
CA GLN B 193 8.24 18.59 9.90
C GLN B 193 8.41 18.79 8.37
N ASN B 194 8.28 20.03 7.92
CA ASN B 194 8.48 20.33 6.48
C ASN B 194 9.87 20.05 5.97
N HIS B 195 10.87 20.21 6.83
CA HIS B 195 12.25 19.82 6.49
C HIS B 195 12.33 18.36 6.17
N ILE B 196 11.75 17.55 7.06
CA ILE B 196 11.73 16.11 6.87
C ILE B 196 11.03 15.73 5.55
N ILE B 197 9.91 16.37 5.25
CA ILE B 197 9.20 16.13 3.98
C ILE B 197 10.04 16.60 2.77
N ARG B 198 10.52 17.85 2.83
CA ARG B 198 11.20 18.47 1.67
C ARG B 198 12.44 17.70 1.24
N VAL B 199 13.17 17.15 2.20
CA VAL B 199 14.39 16.39 1.87
C VAL B 199 14.14 15.20 0.97
N GLY B 200 13.08 14.44 1.28
CA GLY B 200 12.63 13.38 0.39
C GLY B 200 12.17 13.93 -0.97
N LEU B 201 11.44 15.05 -0.98
CA LEU B 201 10.98 15.65 -2.23
C LEU B 201 12.12 16.13 -3.13
N TYR B 202 13.19 16.67 -2.55
CA TYR B 202 14.34 17.08 -3.38
C TYR B 202 15.06 15.85 -3.88
N ALA B 203 15.16 14.84 -3.03
CA ALA B 203 15.87 13.64 -3.44
C ALA B 203 15.08 12.88 -4.53
N GLU B 204 13.76 12.98 -4.53
CA GLU B 204 12.92 12.35 -5.55
C GLU B 204 13.25 12.96 -6.96
N ILE B 205 13.36 14.28 -7.01
CA ILE B 205 13.75 14.97 -8.25
C ILE B 205 15.14 14.50 -8.72
N LEU B 206 16.09 14.45 -7.80
CA LEU B 206 17.45 14.01 -8.12
CA LEU B 206 17.45 13.99 -8.10
C LEU B 206 17.49 12.59 -8.70
N ALA B 207 16.80 11.65 -8.04
CA ALA B 207 16.76 10.27 -8.51
C ALA B 207 16.10 10.22 -9.86
N ARG B 208 15.02 10.97 -10.02
CA ARG B 208 14.26 10.98 -11.28
C ARG B 208 15.15 11.50 -12.43
N GLU B 209 15.78 12.67 -12.19
CA GLU B 209 16.59 13.31 -13.26
C GLU B 209 17.90 12.57 -13.45
N ALA B 210 18.27 11.73 -12.49
CA ALA B 210 19.47 10.90 -12.63
C ALA B 210 19.14 9.59 -13.37
N GLY B 211 17.86 9.35 -13.66
CA GLY B 211 17.52 8.23 -14.52
C GLY B 211 17.26 6.91 -13.80
N LEU B 212 16.89 6.98 -12.52
CA LEU B 212 16.62 5.76 -11.76
C LEU B 212 15.25 5.21 -12.11
N ASP B 213 15.05 3.91 -11.87
CA ASP B 213 13.72 3.28 -12.08
C ASP B 213 12.68 3.99 -11.26
N GLU B 214 11.44 4.04 -11.74
CA GLU B 214 10.35 4.71 -11.04
C GLU B 214 10.12 4.18 -9.59
N GLU B 215 10.41 2.89 -9.38
CA GLU B 215 10.31 2.29 -8.03
C GLU B 215 11.33 2.89 -7.08
N ASP B 216 12.56 3.04 -7.54
CA ASP B 216 13.63 3.64 -6.74
C ASP B 216 13.46 5.13 -6.49
N VAL B 217 12.94 5.85 -7.46
CA VAL B 217 12.54 7.25 -7.28
C VAL B 217 11.55 7.37 -6.12
N GLU B 218 10.51 6.55 -6.16
CA GLU B 218 9.51 6.54 -5.08
C GLU B 218 10.12 6.14 -3.71
N LEU B 219 11.05 5.20 -3.70
CA LEU B 219 11.66 4.75 -2.45
C LEU B 219 12.56 5.84 -1.82
N VAL B 220 13.31 6.56 -2.67
CA VAL B 220 14.17 7.60 -2.14
C VAL B 220 13.31 8.68 -1.50
N LYS B 221 12.19 9.01 -2.13
CA LYS B 221 11.27 10.02 -1.58
C LYS B 221 10.82 9.69 -0.14
N LEU B 222 10.69 8.40 0.13
CA LEU B 222 10.11 7.95 1.40
C LEU B 222 11.19 7.52 2.36
N ALA B 223 12.34 7.10 1.84
CA ALA B 223 13.43 6.63 2.69
C ALA B 223 14.25 7.80 3.25
N ALA B 224 14.42 8.87 2.45
CA ALA B 224 15.34 9.92 2.88
C ALA B 224 14.88 10.65 4.13
N PRO B 225 13.55 10.88 4.28
CA PRO B 225 13.00 11.58 5.45
C PRO B 225 13.39 10.96 6.80
N MET B 226 13.77 9.68 6.80
CA MET B 226 14.05 8.94 8.06
C MET B 226 15.52 9.05 8.50
N HIS B 227 16.33 9.86 7.78
CA HIS B 227 17.79 9.77 7.95
C HIS B 227 18.29 10.11 9.35
N ASP B 228 17.59 10.96 10.07
CA ASP B 228 18.05 11.40 11.38
C ASP B 228 17.34 10.75 12.57
N ILE B 229 16.62 9.65 12.31
CA ILE B 229 15.79 9.01 13.39
C ILE B 229 16.66 8.60 14.58
N GLY B 230 17.86 8.12 14.28
CA GLY B 230 18.87 7.82 15.28
C GLY B 230 19.11 8.85 16.35
N LYS B 231 18.67 10.10 16.15
CA LYS B 231 18.78 11.10 17.24
C LYS B 231 17.99 10.73 18.47
N VAL B 232 17.03 9.81 18.34
CA VAL B 232 16.26 9.41 19.52
C VAL B 232 17.13 8.72 20.55
N GLY B 233 18.23 8.10 20.12
CA GLY B 233 19.09 7.43 21.07
C GLY B 233 20.23 8.26 21.61
N ILE B 234 20.35 9.51 21.16
CA ILE B 234 21.41 10.43 21.65
C ILE B 234 21.07 11.02 23.03
N PRO B 235 22.02 10.99 24.01
CA PRO B 235 21.73 11.58 25.33
C PRO B 235 21.28 13.05 25.25
N ASP B 236 20.40 13.45 26.17
CA ASP B 236 19.90 14.81 26.22
C ASP B 236 21.05 15.84 26.44
N ARG B 237 22.04 15.51 27.26
CA ARG B 237 23.15 16.47 27.52
C ARG B 237 23.87 16.87 26.22
N VAL B 238 23.93 15.94 25.25
CA VAL B 238 24.50 16.21 23.95
C VAL B 238 23.49 16.90 23.04
N LEU B 239 22.33 16.28 22.81
CA LEU B 239 21.34 16.80 21.86
C LEU B 239 20.75 18.17 22.24
N LEU B 240 20.64 18.43 23.53
CA LEU B 240 20.01 19.66 23.99
C LEU B 240 21.05 20.74 24.34
N LYS B 241 22.33 20.48 24.06
CA LYS B 241 23.40 21.42 24.48
C LYS B 241 23.28 22.71 23.66
N PRO B 242 23.01 23.84 24.33
CA PRO B 242 22.69 25.12 23.68
C PRO B 242 23.89 25.80 23.00
N GLY B 243 24.78 25.02 22.39
CA GLY B 243 25.99 25.56 21.73
C GLY B 243 26.80 24.45 21.11
N LYS B 244 28.16 24.61 21.03
CA LYS B 244 28.98 23.66 20.27
C LYS B 244 29.65 22.61 21.15
N LEU B 245 29.90 21.43 20.60
CA LEU B 245 30.22 20.25 21.42
C LEU B 245 31.72 20.01 21.65
N ASN B 246 32.07 19.37 22.77
CA ASN B 246 33.44 18.90 22.94
C ASN B 246 33.69 17.59 22.18
N ASP B 247 34.94 17.12 22.18
CA ASP B 247 35.31 15.92 21.44
C ASP B 247 34.50 14.70 21.86
N GLU B 248 34.36 14.52 23.16
CA GLU B 248 33.60 13.43 23.74
C GLU B 248 32.15 13.45 23.23
N GLU B 249 31.57 14.66 23.18
CA GLU B 249 30.16 14.92 22.87
C GLU B 249 29.90 14.79 21.38
N TRP B 250 30.80 15.38 20.60
CA TRP B 250 30.75 15.32 19.15
C TRP B 250 30.86 13.90 18.69
N GLU B 251 31.74 13.14 19.33
CA GLU B 251 31.88 11.72 19.04
C GLU B 251 30.56 10.94 19.28
N ILE B 252 29.79 11.33 20.29
CA ILE B 252 28.49 10.71 20.59
C ILE B 252 27.47 11.16 19.54
N MET B 253 27.41 12.47 19.30
CA MET B 253 26.54 13.05 18.27
C MET B 253 26.68 12.35 16.92
N LYS B 254 27.91 12.10 16.49
CA LYS B 254 28.14 11.39 15.24
C LYS B 254 27.44 10.01 15.17
N LYS B 255 27.24 9.39 16.33
CA LYS B 255 26.68 8.05 16.38
C LYS B 255 25.20 7.99 16.04
N HIS B 256 24.53 9.14 15.88
CA HIS B 256 23.14 9.14 15.38
C HIS B 256 23.00 8.42 14.06
N THR B 257 24.08 8.43 13.26
CA THR B 257 24.10 7.68 12.00
C THR B 257 24.00 6.15 12.26
N ILE B 258 24.91 5.63 13.08
CA ILE B 258 24.94 4.22 13.52
C ILE B 258 23.62 3.82 14.18
N TYR B 259 23.09 4.71 15.03
CA TYR B 259 21.86 4.41 15.74
C TYR B 259 20.69 4.32 14.78
N GLY B 260 20.66 5.19 13.77
CA GLY B 260 19.56 5.21 12.80
C GLY B 260 19.58 3.92 12.02
N TYR B 261 20.78 3.49 11.68
CA TYR B 261 20.98 2.22 11.02
C TYR B 261 20.43 1.04 11.84
N GLU B 262 20.72 1.03 13.15
CA GLU B 262 20.24 -0.01 14.07
C GLU B 262 18.73 -0.02 14.15
N ILE B 263 18.12 1.15 14.11
CA ILE B 263 16.67 1.24 14.20
C ILE B 263 16.05 0.65 12.93
N LEU B 264 16.68 0.95 11.79
CA LEU B 264 16.09 0.67 10.47
C LEU B 264 16.45 -0.67 9.83
N LYS B 265 17.61 -1.24 10.14
CA LYS B 265 18.18 -2.36 9.39
C LYS B 265 17.43 -3.71 9.55
N GLY B 266 16.64 -3.85 10.61
CA GLY B 266 15.92 -5.11 10.81
C GLY B 266 14.77 -5.39 9.84
N GLY B 267 14.60 -4.53 8.83
CA GLY B 267 13.56 -4.73 7.83
C GLY B 267 13.92 -5.80 6.83
N ASP B 268 12.91 -6.24 6.08
CA ASP B 268 13.14 -7.07 4.90
C ASP B 268 12.82 -6.28 3.62
N SER B 269 12.02 -5.22 3.75
CA SER B 269 11.63 -4.43 2.60
C SER B 269 12.80 -3.62 2.06
N ARG B 270 12.81 -3.42 0.74
CA ARG B 270 13.77 -2.52 0.09
C ARG B 270 13.71 -1.13 0.73
N LEU B 271 12.50 -0.63 1.01
CA LEU B 271 12.36 0.66 1.66
C LEU B 271 13.31 0.79 2.88
N LEU B 272 13.24 -0.20 3.79
CA LEU B 272 14.03 -0.16 5.01
C LEU B 272 15.49 -0.42 4.80
N GLN B 273 15.86 -1.22 3.81
CA GLN B 273 17.27 -1.44 3.54
C GLN B 273 17.92 -0.14 3.01
N ILE B 274 17.18 0.61 2.21
CA ILE B 274 17.68 1.86 1.67
C ILE B 274 17.67 2.90 2.79
N ALA B 275 16.61 2.94 3.60
CA ALA B 275 16.52 3.93 4.66
C ALA B 275 17.66 3.77 5.67
N ALA B 276 18.01 2.51 5.98
CA ALA B 276 19.10 2.19 6.87
C ALA B 276 20.44 2.69 6.32
N ASP B 277 20.70 2.39 5.07
CA ASP B 277 21.89 2.92 4.40
C ASP B 277 21.93 4.44 4.42
N ILE B 278 20.82 5.11 4.14
CA ILE B 278 20.79 6.56 4.17
C ILE B 278 21.14 7.07 5.57
N ALA B 279 20.57 6.45 6.59
CA ALA B 279 20.82 6.84 7.97
C ALA B 279 22.29 6.76 8.27
N ILE B 280 22.95 5.69 7.83
CA ILE B 280 24.34 5.57 8.20
C ILE B 280 25.32 6.35 7.27
N GLU B 281 24.83 6.82 6.13
CA GLU B 281 25.69 7.36 5.06
C GLU B 281 25.63 8.87 4.87
N HIS B 282 24.57 9.50 5.36
CA HIS B 282 24.25 10.83 4.90
C HIS B 282 25.24 11.92 5.32
N HIS B 283 26.16 11.61 6.24
CA HIS B 283 27.25 12.52 6.63
C HIS B 283 28.56 12.09 6.05
N GLU B 284 28.56 11.03 5.25
CA GLU B 284 29.77 10.72 4.51
C GLU B 284 29.93 11.77 3.37
N ARG B 285 31.19 12.01 3.00
CA ARG B 285 31.50 12.96 1.93
C ARG B 285 32.13 12.25 0.77
N TRP B 286 31.84 12.72 -0.44
CA TRP B 286 32.48 12.20 -1.66
C TRP B 286 33.97 12.12 -1.48
N ASP B 287 34.52 13.10 -0.77
CA ASP B 287 35.91 13.19 -0.27
C ASP B 287 36.54 12.02 0.45
N GLY B 288 35.76 11.34 1.25
CA GLY B 288 36.31 10.38 2.17
C GLY B 288 36.58 11.05 3.51
N THR B 289 36.18 12.31 3.64
CA THR B 289 36.47 13.09 4.86
C THR B 289 35.25 13.28 5.76
N GLY B 290 34.19 12.52 5.52
CA GLY B 290 32.99 12.65 6.33
C GLY B 290 33.00 11.63 7.44
N TYR B 291 31.84 11.39 8.00
CA TYR B 291 31.71 10.41 9.08
C TYR B 291 30.46 9.55 8.86
N PRO B 292 30.38 8.35 9.49
CA PRO B 292 31.28 7.85 10.54
C PRO B 292 32.49 7.03 10.07
N PHE B 293 32.55 6.62 8.81
CA PHE B 293 33.64 5.73 8.41
C PHE B 293 34.63 6.34 7.41
N GLY B 294 34.39 7.56 6.97
CA GLY B 294 35.23 8.14 5.91
C GLY B 294 35.13 7.37 4.60
N LYS B 295 33.92 6.91 4.26
CA LYS B 295 33.69 6.26 2.95
C LYS B 295 33.86 7.32 1.84
N LYS B 296 34.33 6.86 0.68
CA LYS B 296 34.72 7.75 -0.40
C LYS B 296 34.04 7.37 -1.73
N GLY B 297 33.63 8.37 -2.50
CA GLY B 297 33.09 8.16 -3.83
C GLY B 297 31.92 7.17 -3.88
N GLU B 298 32.09 6.15 -4.72
CA GLU B 298 31.09 5.11 -4.95
C GLU B 298 30.96 4.15 -3.80
N GLU B 299 31.79 4.32 -2.76
CA GLU B 299 31.61 3.54 -1.53
C GLU B 299 30.34 3.95 -0.83
N ILE B 300 29.86 5.17 -1.09
CA ILE B 300 28.61 5.64 -0.52
C ILE B 300 27.54 5.26 -1.54
N SER B 301 26.45 4.63 -1.08
CA SER B 301 25.38 4.23 -1.99
C SER B 301 24.82 5.50 -2.62
N ILE B 302 24.28 5.37 -3.82
CA ILE B 302 23.71 6.53 -4.52
C ILE B 302 22.62 7.20 -3.68
N TYR B 303 21.89 6.40 -2.86
CA TYR B 303 20.84 6.97 -2.03
C TYR B 303 21.39 7.91 -0.94
N GLY B 304 22.55 7.57 -0.39
CA GLY B 304 23.17 8.37 0.68
C GLY B 304 23.74 9.65 0.06
N ARG B 305 24.36 9.52 -1.11
CA ARG B 305 24.87 10.68 -1.90
C ARG B 305 23.75 11.67 -2.28
N MET B 306 22.57 11.18 -2.68
CA MET B 306 21.43 12.07 -3.01
C MET B 306 20.84 12.77 -1.81
N THR B 307 20.77 12.04 -0.70
CA THR B 307 20.28 12.61 0.54
C THR B 307 21.23 13.68 1.12
N SER B 308 22.55 13.49 1.04
CA SER B 308 23.49 14.53 1.55
CA SER B 308 23.51 14.50 1.52
C SER B 308 23.24 15.86 0.87
N ILE B 309 23.14 15.82 -0.46
CA ILE B 309 22.89 17.04 -1.26
C ILE B 309 21.58 17.67 -0.83
N SER B 310 20.52 16.85 -0.74
CA SER B 310 19.18 17.38 -0.43
C SER B 310 19.09 17.97 0.95
N ASP B 311 19.72 17.29 1.90
CA ASP B 311 19.67 17.70 3.29
C ASP B 311 20.48 19.01 3.44
N VAL B 312 21.67 19.05 2.89
CA VAL B 312 22.49 20.28 3.04
C VAL B 312 21.76 21.44 2.33
N PHE B 313 21.22 21.17 1.14
CA PHE B 313 20.45 22.21 0.43
C PHE B 313 19.39 22.85 1.31
N ASP B 314 18.61 21.99 1.97
CA ASP B 314 17.47 22.47 2.77
C ASP B 314 17.87 23.20 4.05
N ALA B 315 18.94 22.73 4.69
CA ALA B 315 19.48 23.42 5.83
C ALA B 315 19.95 24.84 5.42
N LEU B 316 20.67 24.94 4.30
CA LEU B 316 21.28 26.24 3.90
C LEU B 316 20.21 27.27 3.59
N THR B 317 19.09 26.79 3.05
CA THR B 317 17.98 27.67 2.68
C THR B 317 16.94 27.90 3.79
N SER B 318 17.29 27.58 5.04
CA SER B 318 16.51 27.95 6.23
C SER B 318 17.34 28.83 7.19
N ASP B 319 16.68 29.74 7.88
CA ASP B 319 17.31 30.50 8.97
C ASP B 319 17.70 29.58 10.11
N ARG B 320 18.96 29.66 10.50
CA ARG B 320 19.46 28.93 11.66
C ARG B 320 20.11 29.97 12.57
N PRO B 321 19.79 29.94 13.87
CA PRO B 321 20.26 31.00 14.79
C PRO B 321 21.68 31.52 14.46
N TYR B 322 21.79 32.83 14.27
CA TYR B 322 23.03 33.53 13.86
C TYR B 322 23.30 33.56 12.35
N LYS B 323 22.49 32.84 11.57
CA LYS B 323 22.68 32.72 10.12
C LYS B 323 21.36 32.72 9.36
N LYS B 324 21.12 33.80 8.63
CA LYS B 324 19.99 33.92 7.71
C LYS B 324 20.04 32.81 6.63
N ALA B 325 18.87 32.29 6.24
CA ALA B 325 18.72 31.41 5.07
C ALA B 325 19.42 32.04 3.86
N TRP B 326 20.24 31.24 3.18
CA TRP B 326 20.89 31.67 1.94
C TRP B 326 19.89 31.76 0.82
N ASP B 327 20.15 32.67 -0.13
CA ASP B 327 19.37 32.76 -1.35
C ASP B 327 19.90 31.78 -2.40
N MET B 328 19.16 31.66 -3.51
CA MET B 328 19.58 30.82 -4.63
C MET B 328 21.02 31.05 -5.11
N ASP B 329 21.37 32.29 -5.39
CA ASP B 329 22.70 32.56 -5.95
C ASP B 329 23.83 32.01 -5.05
N ARG B 330 23.77 32.31 -3.74
CA ARG B 330 24.82 31.84 -2.84
C ARG B 330 24.84 30.31 -2.74
N THR B 331 23.64 29.75 -2.65
CA THR B 331 23.51 28.29 -2.57
C THR B 331 24.15 27.67 -3.80
N VAL B 332 23.88 28.25 -4.98
CA VAL B 332 24.50 27.79 -6.23
C VAL B 332 26.04 27.84 -6.20
N ARG B 333 26.59 28.97 -5.71
CA ARG B 333 28.05 29.12 -5.64
C ARG B 333 28.61 28.08 -4.70
N PHE B 334 27.94 27.89 -3.56
CA PHE B 334 28.38 26.85 -2.62
C PHE B 334 28.44 25.48 -3.24
N PHE B 335 27.33 25.04 -3.86
CA PHE B 335 27.33 23.73 -4.49
C PHE B 335 28.38 23.57 -5.58
N LYS B 336 28.59 24.62 -6.39
CA LYS B 336 29.68 24.54 -7.36
C LYS B 336 31.04 24.36 -6.70
N GLU B 337 31.29 25.10 -5.61
CA GLU B 337 32.56 24.94 -4.92
C GLU B 337 32.73 23.55 -4.27
N GLN B 338 31.62 22.96 -3.79
CA GLN B 338 31.70 21.67 -3.11
C GLN B 338 31.56 20.44 -4.02
N LYS B 339 31.40 20.68 -5.32
CA LYS B 339 31.36 19.62 -6.34
C LYS B 339 32.60 18.75 -6.25
N GLY B 340 32.45 17.44 -6.11
CA GLY B 340 33.61 16.56 -5.96
C GLY B 340 34.34 16.66 -4.63
N LYS B 341 33.80 17.45 -3.70
CA LYS B 341 34.34 17.52 -2.36
C LYS B 341 33.38 16.88 -1.34
N HIS B 342 32.44 17.68 -0.82
CA HIS B 342 31.37 17.20 0.03
C HIS B 342 30.50 16.26 -0.82
N PHE B 343 30.21 16.66 -2.07
CA PHE B 343 29.18 15.99 -2.89
C PHE B 343 29.64 15.34 -4.19
N ASP B 344 28.91 14.29 -4.54
CA ASP B 344 28.99 13.64 -5.85
C ASP B 344 28.92 14.68 -6.98
N PRO B 345 29.94 14.72 -7.87
CA PRO B 345 29.98 15.80 -8.86
C PRO B 345 28.87 15.67 -9.93
N PHE B 346 28.57 14.44 -10.34
CA PHE B 346 27.46 14.20 -11.28
C PHE B 346 26.11 14.58 -10.71
N LEU B 347 25.82 14.15 -9.47
CA LEU B 347 24.54 14.52 -8.85
C LEU B 347 24.41 15.99 -8.52
N THR B 348 25.52 16.63 -8.18
CA THR B 348 25.51 18.08 -7.99
C THR B 348 25.08 18.80 -9.30
N ASP B 349 25.64 18.41 -10.43
CA ASP B 349 25.23 19.02 -11.72
C ASP B 349 23.74 18.85 -12.00
N ILE B 350 23.21 17.64 -11.69
CA ILE B 350 21.80 17.38 -11.90
C ILE B 350 21.03 18.31 -10.99
N PHE B 351 21.45 18.37 -9.73
CA PHE B 351 20.77 19.20 -8.76
C PHE B 351 20.76 20.66 -9.19
N LEU B 352 21.92 21.18 -9.54
CA LEU B 352 22.02 22.58 -10.03
C LEU B 352 21.09 22.86 -11.22
N LYS B 353 21.02 21.89 -12.12
CA LYS B 353 20.23 22.03 -13.33
C LYS B 353 18.74 22.05 -12.99
N ASN B 354 18.38 21.50 -11.83
CA ASN B 354 16.98 21.47 -11.43
C ASN B 354 16.68 22.36 -10.24
N ILE B 355 17.56 23.34 -10.01
CA ILE B 355 17.55 24.20 -8.80
C ILE B 355 16.25 24.98 -8.64
N ASP B 356 15.63 25.36 -9.75
CA ASP B 356 14.34 26.06 -9.68
C ASP B 356 13.23 25.20 -9.03
N GLN B 357 13.17 23.91 -9.35
CA GLN B 357 12.17 22.99 -8.76
C GLN B 357 12.39 22.82 -7.27
N MET B 358 13.67 22.86 -6.88
CA MET B 358 14.08 22.82 -5.47
C MET B 358 13.58 24.04 -4.69
N PHE B 359 13.81 25.23 -5.22
CA PHE B 359 13.34 26.45 -4.55
C PHE B 359 11.81 26.57 -4.53
N SER B 360 11.17 26.03 -5.56
CA SER B 360 9.72 26.03 -5.64
C SER B 360 9.10 25.17 -4.51
N ILE B 361 9.63 23.96 -4.33
CA ILE B 361 9.21 23.11 -3.21
C ILE B 361 9.40 23.86 -1.90
N LYS B 362 10.60 24.44 -1.72
CA LYS B 362 10.96 25.19 -0.52
C LYS B 362 10.00 26.34 -0.23
N ARG B 363 9.51 27.00 -1.29
CA ARG B 363 8.63 28.17 -1.15
C ARG B 363 7.20 27.80 -0.76
N GLU B 364 6.66 26.73 -1.35
CA GLU B 364 5.25 26.41 -1.08
C GLU B 364 5.05 25.38 0.06
N LEU B 365 6.14 24.83 0.57
CA LEU B 365 6.11 24.00 1.77
C LEU B 365 7.04 24.61 2.85
N ARG B 366 6.54 25.66 3.52
CA ARG B 366 7.35 26.54 4.38
C ARG B 366 7.86 25.87 5.67
FE FE C . 2.24 4.08 27.73
FE FE D . 4.17 0.94 27.52
FE FE E . 3.65 -1.96 25.77
C1 SIN F . 3.67 4.54 32.27
O1 SIN F . 3.03 5.63 32.31
O2 SIN F . 3.20 3.43 32.69
C2 SIN F . 5.06 4.62 31.69
C3 SIN F . 5.56 3.34 31.03
C4 SIN F . 4.84 3.08 29.72
O3 SIN F . 5.19 2.12 29.02
O4 SIN F . 3.92 3.84 29.37
C1 SIN G . 1.91 -3.23 32.11
O1 SIN G . 0.78 -3.39 32.59
O2 SIN G . 2.94 -3.64 32.72
C2 SIN G . 2.05 -2.52 30.76
C3 SIN G . 3.48 -2.62 30.23
C4 SIN G . 3.72 -1.78 28.97
O3 SIN G . 4.09 -2.33 27.90
O4 SIN G . 3.61 -0.56 29.07
C1 SIN H . 8.07 2.03 23.73
O1 SIN H . 8.69 3.11 23.90
O2 SIN H . 7.72 1.36 24.73
C2 SIN H . 7.79 1.57 22.30
C3 SIN H . 7.02 2.58 21.42
C4 SIN H . 5.67 2.05 20.90
O3 SIN H . 4.57 2.49 21.22
O4 SIN H . 5.66 1.11 20.10
N1 IMD I . 3.73 -1.36 23.69
C2 IMD I . 4.22 -0.17 23.28
N3 IMD I . 3.91 -0.04 21.97
C4 IMD I . 3.24 -1.14 21.55
C5 IMD I . 3.12 -1.98 22.65
C1 EDO J . 0.78 -42.66 -15.41
O1 EDO J . -0.32 -43.56 -15.31
C2 EDO J . 0.50 -41.55 -16.43
O2 EDO J . 1.74 -41.04 -16.95
FE FE K . 22.30 13.49 10.42
FE FE L . 20.19 16.58 10.23
FE FE M . 18.08 17.28 7.92
C1 SIN N . 25.07 16.13 13.41
O1 SIN N . 25.85 15.21 13.76
O2 SIN N . 25.28 16.94 12.46
C2 SIN N . 23.79 16.31 14.16
C3 SIN N . 22.91 17.24 13.36
C4 SIN N . 22.17 16.43 12.33
O3 SIN N . 21.07 16.85 11.98
O4 SIN N . 22.63 15.38 11.84
C1 SIN O . 23.99 20.84 7.31
O1 SIN O . 25.01 20.54 6.67
O2 SIN O . 23.88 21.90 7.96
C2 SIN O . 22.83 19.88 7.29
C3 SIN O . 21.99 20.10 8.56
C4 SIN O . 21.38 18.77 8.93
O3 SIN O . 20.14 18.67 8.81
O4 SIN O . 22.14 17.87 9.32
C1 SIN P . 28.91 30.30 -0.46
O1 SIN P . 28.28 30.53 -1.53
O2 SIN P . 28.61 30.81 0.65
C2 SIN P . 30.11 29.41 -0.54
C3 SIN P . 30.60 29.58 -1.98
C4 SIN P . 32.02 29.11 -2.10
O3 SIN P . 32.35 28.09 -1.45
O4 SIN P . 32.78 29.77 -2.83
#